data_4YE9
#
_entry.id   4YE9
#
_cell.length_a   336.940
_cell.length_b   58.525
_cell.length_c   86.646
_cell.angle_alpha   90.00
_cell.angle_beta   90.00
_cell.angle_gamma   90.00
#
_symmetry.space_group_name_H-M   'P 21 21 2'
#
loop_
_entity.id
_entity.type
_entity.pdbx_description
1 polymer 'Glutamine--tRNA ligase'
2 water water
#
_entity_poly.entity_id   1
_entity_poly.type   'polypeptide(L)'
_entity_poly.pdbx_seq_one_letter_code
;HMAALDSLSLFTSLGLSEQKARETLKNSALSAQLREAATQAQQTLVSTIDKATGILLYGLASRLRDTRRLSFLVSYIASK
KIHTEPQLSAALEYVRSHPLDPIDTVDFERECGVGVIVTPEQIEEAVEAAINRHRPQLLVERYHFNMGLLMGEARAVLKW
ADGKMIKNEVDMQVLHLLGPKLEADLEKKFKVAKARLEETDRRTAKDVVENGETADQTLSLMEQLRGEALKFHKPGENYK
TPGYVVTPHTMNLLKQHLEITGGQVRTRFPPEPNGILHIGHAKAINFNFGYAKANNGICFLRFDDTNPEKEEAKFFTAIC
DMVAWLGYTPYKVTYASDYFDQLYAWAVELIRRGLAYVCHQRGEELKGHNTLPSPWRDRPMEESLLLFEAMRKGKFSEGE
ATLRMKLVMEDGKMDPVAYRVKYTPHHRTGDKWCIYPTYDYTHCLCDSIEHITHSLCTKEFQARRSSYFWLCNALDVYCP
VQWEYGRLNLHYAVVSKRKILQLVATGAVRDWDDPRLFTLTALRRRGFPPEAINNFCARVGVTVAQTTMEPHLLEACVRD
VLNDTAPRAMAVLESLRVIITNFPAAKSLDIQVPNFPADETKGFHQVPFAPIVFIERTDFKEEPEPGFKRLAWGQPVGLR
HTGYVIELQHVVKGPSGCVESLEVTCRRADAGEKPKAFIHWVSQPLMCEVRLYERLFQHKNPEDPTEVPGGFLSDLNLAS
LHVVDAALVDCSVALAKPFDKFQFERLGYFSVDPDSHQGKLVFNRTVTLKEDPGKV
;
_entity_poly.pdbx_strand_id   A
#
# COMPACT_ATOMS: atom_id res chain seq x y z
N HIS A 1 -0.56 -31.79 35.97
CA HIS A 1 -0.82 -30.36 36.14
C HIS A 1 -2.31 -30.07 36.15
N MET A 2 -2.92 -30.33 35.00
CA MET A 2 -4.30 -30.02 34.74
C MET A 2 -5.19 -31.19 35.10
N ALA A 3 -4.63 -32.40 34.97
CA ALA A 3 -5.33 -33.66 35.23
C ALA A 3 -5.63 -33.83 36.72
N ALA A 4 -5.30 -32.80 37.48
CA ALA A 4 -5.45 -32.78 38.92
C ALA A 4 -6.65 -31.95 39.37
N LEU A 5 -7.54 -31.62 38.46
CA LEU A 5 -8.67 -30.77 38.81
C LEU A 5 -9.98 -31.51 38.98
N ASP A 6 -10.74 -31.05 39.97
CA ASP A 6 -12.19 -31.14 39.99
C ASP A 6 -12.67 -30.98 38.55
N SER A 7 -13.60 -31.80 38.10
CA SER A 7 -14.04 -31.76 36.71
CA SER A 7 -14.10 -31.78 36.73
C SER A 7 -14.75 -30.44 36.34
N LEU A 8 -15.60 -29.94 37.23
CA LEU A 8 -16.27 -28.68 36.98
C LEU A 8 -15.23 -27.57 36.75
N SER A 9 -14.12 -27.66 37.48
CA SER A 9 -13.01 -26.72 37.33
C SER A 9 -12.24 -26.99 36.07
N LEU A 10 -12.05 -28.27 35.76
CA LEU A 10 -11.34 -28.67 34.55
C LEU A 10 -12.13 -28.25 33.32
N PHE A 11 -13.43 -28.48 33.34
CA PHE A 11 -14.23 -28.21 32.15
C PHE A 11 -14.27 -26.74 31.80
N THR A 12 -14.43 -25.88 32.81
CA THR A 12 -14.53 -24.45 32.58
C THR A 12 -13.18 -23.91 32.07
N SER A 13 -12.10 -24.52 32.53
CA SER A 13 -10.76 -24.10 32.08
C SER A 13 -10.46 -24.55 30.66
N LEU A 14 -11.36 -25.31 30.04
CA LEU A 14 -11.18 -25.71 28.66
C LEU A 14 -12.07 -24.86 27.75
N GLY A 15 -12.84 -23.97 28.36
CA GLY A 15 -13.62 -22.99 27.62
C GLY A 15 -15.07 -23.36 27.45
N LEU A 16 -15.64 -24.04 28.43
CA LEU A 16 -17.06 -24.28 28.42
C LEU A 16 -17.68 -23.34 29.45
N SER A 17 -18.83 -22.76 29.13
CA SER A 17 -19.55 -21.98 30.13
C SER A 17 -19.77 -22.84 31.38
N GLU A 18 -19.93 -22.21 32.54
CA GLU A 18 -20.19 -22.96 33.76
C GLU A 18 -21.51 -23.74 33.63
N GLN A 19 -22.42 -23.19 32.83
CA GLN A 19 -23.70 -23.83 32.54
C GLN A 19 -23.53 -25.21 31.89
N LYS A 20 -22.73 -25.25 30.83
CA LYS A 20 -22.52 -26.46 30.05
C LYS A 20 -21.57 -27.43 30.76
N ALA A 21 -20.84 -26.94 31.75
CA ALA A 21 -19.94 -27.80 32.50
C ALA A 21 -20.73 -28.55 33.55
N ARG A 22 -21.76 -27.92 34.12
CA ARG A 22 -22.61 -28.65 35.05
C ARG A 22 -23.36 -29.72 34.29
N GLU A 23 -23.84 -29.37 33.09
CA GLU A 23 -24.42 -30.34 32.18
C GLU A 23 -23.49 -31.53 32.10
N THR A 24 -22.33 -31.31 31.51
CA THR A 24 -21.41 -32.38 31.17
C THR A 24 -21.00 -33.29 32.34
N LEU A 25 -20.85 -32.77 33.54
CA LEU A 25 -20.34 -33.66 34.58
C LEU A 25 -21.44 -34.57 35.12
N LYS A 26 -22.66 -34.40 34.65
CA LYS A 26 -23.70 -35.38 34.92
C LYS A 26 -23.49 -36.62 34.06
N ASN A 27 -22.91 -36.41 32.88
CA ASN A 27 -22.62 -37.46 31.90
C ASN A 27 -21.30 -38.01 32.45
N SER A 28 -21.38 -39.17 33.08
CA SER A 28 -20.23 -39.93 33.59
C SER A 28 -19.26 -40.32 32.49
N ALA A 29 -19.78 -40.70 31.32
CA ALA A 29 -18.96 -41.29 30.26
C ALA A 29 -18.24 -40.25 29.42
N LEU A 30 -18.95 -39.16 29.15
CA LEU A 30 -18.44 -38.06 28.36
C LEU A 30 -17.35 -37.40 29.14
N SER A 31 -17.77 -37.03 30.35
CA SER A 31 -16.90 -36.42 31.33
C SER A 31 -15.63 -37.26 31.51
N ALA A 32 -15.74 -38.57 31.45
CA ALA A 32 -14.57 -39.42 31.59
C ALA A 32 -13.59 -39.23 30.42
N GLN A 33 -14.09 -39.29 29.19
CA GLN A 33 -13.23 -39.18 28.01
C GLN A 33 -12.67 -37.78 27.83
N LEU A 34 -13.41 -36.78 28.29
CA LEU A 34 -12.95 -35.40 28.17
C LEU A 34 -11.73 -35.16 29.05
N ARG A 35 -11.72 -35.74 30.23
CA ARG A 35 -10.56 -35.68 31.09
C ARG A 35 -9.39 -36.48 30.50
N GLU A 36 -9.68 -37.66 29.97
CA GLU A 36 -8.64 -38.49 29.36
C GLU A 36 -8.07 -37.84 28.09
N ALA A 37 -8.94 -37.20 27.32
CA ALA A 37 -8.53 -36.50 26.12
C ALA A 37 -7.61 -35.34 26.45
N ALA A 38 -7.95 -34.61 27.50
CA ALA A 38 -7.20 -33.41 27.89
C ALA A 38 -5.87 -33.74 28.55
N THR A 39 -5.87 -34.76 29.40
CA THR A 39 -4.64 -35.37 29.90
C THR A 39 -3.64 -35.62 28.76
N GLN A 40 -4.04 -36.38 27.78
CA GLN A 40 -3.11 -36.70 26.71
C GLN A 40 -2.67 -35.43 26.05
N ALA A 41 -3.61 -34.54 25.77
CA ALA A 41 -3.29 -33.39 25.00
C ALA A 41 -2.27 -32.59 25.74
N GLN A 42 -2.44 -32.49 27.04
CA GLN A 42 -1.55 -31.66 27.81
C GLN A 42 -0.16 -32.20 27.70
N GLN A 43 -0.02 -33.51 27.72
CA GLN A 43 1.31 -34.08 27.75
C GLN A 43 2.08 -33.67 26.51
N THR A 44 1.45 -33.70 25.35
CA THR A 44 2.06 -33.12 24.17
C THR A 44 2.17 -31.59 24.20
N LEU A 45 1.10 -30.93 24.63
CA LEU A 45 0.98 -29.48 24.49
C LEU A 45 1.98 -28.62 25.25
N VAL A 46 2.33 -29.00 26.47
CA VAL A 46 3.29 -28.20 27.24
C VAL A 46 2.95 -26.86 27.86
N SER A 47 2.48 -25.92 27.04
CA SER A 47 2.11 -24.62 27.58
C SER A 47 0.63 -24.93 27.74
N THR A 48 0.01 -24.39 28.77
CA THR A 48 -1.30 -24.86 29.17
C THR A 48 -2.24 -24.70 28.01
N ILE A 49 -3.21 -25.60 27.89
CA ILE A 49 -4.07 -25.66 26.72
C ILE A 49 -4.90 -24.42 26.47
N ASP A 50 -4.91 -23.99 25.22
CA ASP A 50 -5.69 -22.85 24.78
C ASP A 50 -7.14 -23.23 24.82
N LYS A 51 -7.99 -22.27 25.09
CA LYS A 51 -9.40 -22.54 25.16
C LYS A 51 -9.97 -23.01 23.84
N ALA A 52 -9.53 -22.40 22.75
CA ALA A 52 -10.08 -22.73 21.46
C ALA A 52 -9.81 -24.19 21.16
N THR A 53 -8.64 -24.63 21.53
CA THR A 53 -8.21 -25.99 21.36
C THR A 53 -9.05 -26.89 22.22
N GLY A 54 -9.49 -26.35 23.34
CA GLY A 54 -10.39 -27.02 24.27
C GLY A 54 -11.77 -27.37 23.71
N ILE A 55 -12.42 -26.43 23.03
CA ILE A 55 -13.73 -26.67 22.43
C ILE A 55 -13.66 -27.79 21.37
N LEU A 56 -12.46 -27.98 20.83
CA LEU A 56 -12.20 -29.04 19.88
C LEU A 56 -12.13 -30.39 20.55
N LEU A 57 -11.42 -30.45 21.67
CA LEU A 57 -11.39 -31.66 22.47
C LEU A 57 -12.79 -32.00 23.01
N TYR A 58 -13.60 -31.00 23.36
CA TYR A 58 -14.95 -31.26 23.85
C TYR A 58 -15.82 -31.87 22.77
N GLY A 59 -15.70 -31.37 21.54
CA GLY A 59 -16.44 -31.97 20.45
C GLY A 59 -15.97 -33.39 20.21
N LEU A 60 -14.65 -33.54 20.14
CA LEU A 60 -14.03 -34.84 19.94
C LEU A 60 -14.52 -35.83 20.97
N ALA A 61 -14.56 -35.43 22.22
CA ALA A 61 -14.94 -36.34 23.28
C ALA A 61 -16.39 -36.75 23.19
N SER A 62 -17.21 -35.88 22.62
CA SER A 62 -18.65 -36.02 22.73
C SER A 62 -19.25 -36.64 21.49
N ARG A 63 -18.41 -37.05 20.55
CA ARG A 63 -18.87 -37.57 19.26
C ARG A 63 -18.13 -38.83 18.82
N LEU A 64 -16.84 -38.88 19.09
CA LEU A 64 -16.08 -40.10 18.90
C LEU A 64 -16.72 -41.28 19.59
N ARG A 65 -17.35 -42.14 18.80
CA ARG A 65 -17.88 -43.42 19.28
C ARG A 65 -16.89 -44.54 19.06
N ASP A 66 -15.95 -44.35 18.14
CA ASP A 66 -14.92 -45.36 17.84
C ASP A 66 -14.11 -45.59 19.12
N THR A 67 -13.40 -44.56 19.56
CA THR A 67 -12.73 -44.53 20.87
C THR A 67 -11.46 -45.41 20.94
N ARG A 68 -11.22 -46.22 19.91
CA ARG A 68 -9.93 -46.88 19.79
C ARG A 68 -8.98 -45.83 19.28
N ARG A 69 -9.59 -44.81 18.68
CA ARG A 69 -8.89 -43.84 17.88
C ARG A 69 -8.66 -42.50 18.59
N LEU A 70 -8.99 -42.44 19.87
CA LEU A 70 -8.90 -41.18 20.59
C LEU A 70 -7.47 -40.71 20.73
N SER A 71 -6.57 -41.59 21.16
CA SER A 71 -5.17 -41.19 21.36
C SER A 71 -4.59 -40.65 20.06
N PHE A 72 -5.08 -41.20 18.96
CA PHE A 72 -4.72 -40.75 17.62
C PHE A 72 -5.13 -39.29 17.38
N LEU A 73 -6.44 -39.06 17.29
CA LEU A 73 -7.03 -37.77 16.96
C LEU A 73 -6.61 -36.65 17.87
N VAL A 74 -6.32 -36.98 19.12
CA VAL A 74 -5.90 -35.97 20.07
C VAL A 74 -4.54 -35.41 19.65
N SER A 75 -3.66 -36.27 19.17
CA SER A 75 -2.33 -35.85 18.69
C SER A 75 -2.45 -34.81 17.58
N TYR A 76 -3.55 -34.88 16.87
CA TYR A 76 -3.79 -34.01 15.74
C TYR A 76 -4.52 -32.74 16.13
N ILE A 77 -4.90 -32.64 17.39
CA ILE A 77 -5.55 -31.43 17.89
C ILE A 77 -4.68 -30.74 18.95
N ALA A 78 -3.63 -31.44 19.38
CA ALA A 78 -2.60 -30.84 20.21
C ALA A 78 -1.61 -30.02 19.39
N SER A 79 -1.08 -30.65 18.34
CA SER A 79 -0.36 -29.92 17.29
C SER A 79 -1.61 -29.49 16.55
N LYS A 80 -1.75 -28.19 16.26
CA LYS A 80 -3.03 -27.64 15.83
C LYS A 80 -3.20 -27.96 14.34
N LYS A 81 -2.94 -29.22 13.96
CA LYS A 81 -3.11 -29.71 12.59
C LYS A 81 -4.59 -29.75 12.26
N ILE A 82 -5.37 -30.25 13.20
CA ILE A 82 -6.82 -30.07 13.20
C ILE A 82 -7.10 -28.91 14.14
N HIS A 83 -7.76 -27.87 13.62
CA HIS A 83 -8.10 -26.73 14.44
C HIS A 83 -9.41 -26.02 14.01
N THR A 84 -10.16 -26.61 13.10
CA THR A 84 -11.49 -26.08 12.77
C THR A 84 -12.56 -27.17 12.92
N GLU A 85 -13.81 -26.76 13.10
CA GLU A 85 -14.90 -27.70 13.28
C GLU A 85 -15.19 -28.60 12.09
N PRO A 86 -15.06 -28.07 10.86
CA PRO A 86 -15.28 -29.04 9.78
C PRO A 86 -14.09 -30.00 9.59
N GLN A 87 -12.85 -29.57 9.85
CA GLN A 87 -11.72 -30.51 9.98
C GLN A 87 -12.00 -31.61 11.01
N LEU A 88 -12.42 -31.21 12.21
CA LEU A 88 -12.78 -32.17 13.27
C LEU A 88 -13.94 -33.05 12.86
N SER A 89 -14.91 -32.48 12.16
CA SER A 89 -16.03 -33.27 11.70
C SER A 89 -15.63 -34.13 10.51
N ALA A 90 -14.55 -33.75 9.83
CA ALA A 90 -14.05 -34.53 8.71
C ALA A 90 -13.40 -35.79 9.23
N ALA A 91 -12.47 -35.61 10.18
CA ALA A 91 -11.75 -36.72 10.80
C ALA A 91 -12.70 -37.63 11.55
N LEU A 92 -13.78 -37.07 12.08
CA LEU A 92 -14.78 -37.88 12.74
C LEU A 92 -15.43 -38.85 11.76
N GLU A 93 -15.55 -38.41 10.52
CA GLU A 93 -16.04 -39.29 9.48
C GLU A 93 -14.97 -40.33 9.12
N TYR A 94 -13.82 -39.86 8.62
CA TYR A 94 -12.73 -40.74 8.17
C TYR A 94 -12.48 -41.89 9.11
N VAL A 95 -12.71 -41.65 10.40
CA VAL A 95 -12.46 -42.63 11.44
C VAL A 95 -13.67 -43.56 11.67
N ARG A 96 -14.87 -43.01 11.53
CA ARG A 96 -16.03 -43.86 11.51
C ARG A 96 -15.96 -44.71 10.27
N SER A 97 -15.58 -44.10 9.15
CA SER A 97 -15.53 -44.84 7.91
C SER A 97 -14.49 -45.96 7.87
N HIS A 98 -13.28 -45.71 8.35
CA HIS A 98 -12.27 -46.76 8.29
C HIS A 98 -12.04 -47.44 9.62
N PRO A 99 -12.74 -48.61 9.82
CA PRO A 99 -12.39 -49.34 11.03
C PRO A 99 -11.14 -50.19 10.94
N LEU A 100 -10.35 -49.97 9.89
CA LEU A 100 -9.18 -50.76 9.52
C LEU A 100 -7.91 -50.92 10.32
N ASP A 101 -7.89 -50.30 11.50
CA ASP A 101 -6.82 -50.34 12.50
C ASP A 101 -5.55 -49.59 12.23
N PRO A 102 -4.92 -49.90 11.03
CA PRO A 102 -3.80 -49.04 10.70
C PRO A 102 -4.21 -48.04 9.63
N ILE A 103 -4.12 -46.75 9.92
CA ILE A 103 -4.71 -45.74 9.07
C ILE A 103 -3.63 -44.98 8.35
N ASP A 104 -3.84 -44.70 7.07
CA ASP A 104 -2.82 -44.02 6.32
C ASP A 104 -2.75 -42.57 6.72
N THR A 105 -1.57 -42.12 7.10
CA THR A 105 -1.40 -40.76 7.55
C THR A 105 -1.70 -39.80 6.43
N VAL A 106 -1.15 -40.08 5.28
CA VAL A 106 -1.27 -39.18 4.13
C VAL A 106 -2.70 -39.18 3.56
N ASP A 107 -3.35 -40.34 3.51
CA ASP A 107 -4.74 -40.37 3.08
C ASP A 107 -5.59 -39.57 4.05
N PHE A 108 -5.28 -39.68 5.34
CA PHE A 108 -6.06 -39.03 6.38
C PHE A 108 -5.85 -37.51 6.38
N GLU A 109 -4.57 -37.10 6.45
CA GLU A 109 -4.23 -35.67 6.48
C GLU A 109 -4.83 -34.94 5.28
N ARG A 110 -4.76 -35.57 4.11
CA ARG A 110 -5.23 -34.97 2.88
C ARG A 110 -6.75 -34.83 2.85
N GLU A 111 -7.45 -35.80 3.44
CA GLU A 111 -8.90 -35.79 3.35
C GLU A 111 -9.55 -35.08 4.53
N CYS A 112 -8.74 -34.43 5.34
CA CYS A 112 -9.24 -33.53 6.38
C CYS A 112 -8.73 -32.13 6.13
N GLY A 113 -7.95 -31.97 5.08
CA GLY A 113 -7.38 -30.69 4.75
C GLY A 113 -6.48 -30.22 5.87
N VAL A 114 -5.38 -30.92 6.08
CA VAL A 114 -4.51 -30.56 7.17
C VAL A 114 -3.73 -29.30 6.80
N GLY A 115 -2.80 -29.40 5.85
CA GLY A 115 -1.96 -28.26 5.51
C GLY A 115 -2.72 -27.15 4.81
N VAL A 116 -4.04 -27.31 4.68
CA VAL A 116 -4.90 -26.38 3.96
C VAL A 116 -5.10 -25.05 4.67
N ILE A 117 -4.74 -23.97 3.97
CA ILE A 117 -4.89 -22.62 4.52
C ILE A 117 -5.93 -21.83 3.73
N VAL A 118 -6.79 -21.11 4.45
CA VAL A 118 -7.82 -20.29 3.82
C VAL A 118 -7.56 -18.82 4.14
N THR A 119 -7.79 -17.97 3.14
CA THR A 119 -7.36 -16.58 3.21
C THR A 119 -8.55 -15.63 3.29
N PRO A 120 -8.36 -14.50 3.98
CA PRO A 120 -9.38 -13.46 4.09
C PRO A 120 -9.92 -13.00 2.74
N GLU A 121 -9.07 -12.93 1.71
CA GLU A 121 -9.56 -12.61 0.37
C GLU A 121 -10.48 -13.71 -0.11
N GLN A 122 -10.12 -14.95 0.17
CA GLN A 122 -10.88 -16.07 -0.33
C GLN A 122 -12.30 -16.11 0.24
N ILE A 123 -12.41 -15.68 1.49
CA ILE A 123 -13.70 -15.61 2.16
C ILE A 123 -14.46 -14.40 1.68
N GLU A 124 -13.76 -13.28 1.60
CA GLU A 124 -14.30 -12.02 1.12
C GLU A 124 -14.99 -12.20 -0.21
N GLU A 125 -14.34 -12.92 -1.12
CA GLU A 125 -14.89 -13.08 -2.45
C GLU A 125 -15.99 -14.12 -2.50
N ALA A 126 -15.93 -15.12 -1.63
CA ALA A 126 -17.04 -16.06 -1.50
C ALA A 126 -18.32 -15.36 -1.04
N VAL A 127 -18.20 -14.51 -0.01
CA VAL A 127 -19.37 -13.78 0.49
C VAL A 127 -19.86 -12.79 -0.55
N GLU A 128 -18.92 -12.03 -1.13
CA GLU A 128 -19.19 -11.07 -2.19
C GLU A 128 -20.09 -11.73 -3.21
N ALA A 129 -19.62 -12.90 -3.66
CA ALA A 129 -20.35 -13.73 -4.60
C ALA A 129 -21.78 -14.01 -4.15
N ALA A 130 -21.96 -14.38 -2.88
CA ALA A 130 -23.28 -14.77 -2.39
C ALA A 130 -24.18 -13.58 -2.34
N ILE A 131 -23.59 -12.42 -2.03
CA ILE A 131 -24.35 -11.19 -1.88
C ILE A 131 -24.94 -10.83 -3.23
N ASN A 132 -24.05 -10.65 -4.20
CA ASN A 132 -24.43 -10.28 -5.56
C ASN A 132 -25.60 -11.12 -6.02
N ARG A 133 -25.49 -12.42 -5.74
CA ARG A 133 -26.44 -13.46 -6.12
C ARG A 133 -27.83 -13.22 -5.50
N HIS A 134 -27.90 -12.29 -4.54
CA HIS A 134 -29.12 -12.06 -3.78
C HIS A 134 -29.37 -10.58 -3.56
N ARG A 135 -28.52 -9.77 -4.16
CA ARG A 135 -28.53 -8.33 -3.93
C ARG A 135 -29.92 -7.67 -4.02
N PRO A 136 -30.68 -7.93 -5.10
CA PRO A 136 -32.02 -7.36 -5.16
C PRO A 136 -32.89 -7.72 -3.98
N GLN A 137 -32.95 -9.00 -3.63
CA GLN A 137 -33.76 -9.46 -2.52
CA GLN A 137 -33.77 -9.45 -2.52
C GLN A 137 -33.26 -8.84 -1.21
N LEU A 138 -31.94 -8.81 -1.08
CA LEU A 138 -31.25 -8.28 0.09
C LEU A 138 -31.62 -6.83 0.35
N LEU A 139 -31.50 -6.00 -0.69
CA LEU A 139 -31.83 -4.58 -0.65
C LEU A 139 -33.25 -4.26 -0.18
N VAL A 140 -34.18 -5.16 -0.44
CA VAL A 140 -35.58 -4.83 -0.19
C VAL A 140 -36.12 -5.34 1.14
N GLU A 141 -35.69 -6.53 1.55
CA GLU A 141 -36.13 -7.08 2.82
C GLU A 141 -35.30 -6.44 3.92
N ARG A 142 -34.19 -5.83 3.49
CA ARG A 142 -33.15 -5.25 4.35
C ARG A 142 -32.74 -6.27 5.38
N TYR A 143 -32.80 -5.91 6.66
CA TYR A 143 -32.39 -6.83 7.73
C TYR A 143 -33.38 -7.96 8.00
N HIS A 144 -34.48 -8.02 7.27
CA HIS A 144 -35.43 -9.11 7.48
C HIS A 144 -35.06 -10.32 6.64
N PHE A 145 -34.26 -10.09 5.59
CA PHE A 145 -33.67 -11.15 4.79
C PHE A 145 -33.05 -12.17 5.71
N ASN A 146 -33.24 -13.44 5.41
CA ASN A 146 -32.64 -14.45 6.24
C ASN A 146 -31.16 -14.55 5.92
N MET A 147 -30.30 -14.17 6.85
CA MET A 147 -28.88 -14.09 6.54
C MET A 147 -28.26 -15.48 6.49
N GLY A 148 -29.02 -16.50 6.88
CA GLY A 148 -28.58 -17.88 6.81
C GLY A 148 -28.05 -18.29 5.44
N LEU A 149 -28.84 -18.04 4.39
CA LEU A 149 -28.46 -18.33 3.01
C LEU A 149 -27.05 -17.91 2.64
N LEU A 150 -26.59 -16.78 3.15
CA LEU A 150 -25.31 -16.25 2.72
C LEU A 150 -24.21 -17.13 3.26
N MET A 151 -24.26 -17.41 4.57
CA MET A 151 -23.27 -18.27 5.20
C MET A 151 -23.36 -19.67 4.61
N GLY A 152 -24.55 -20.02 4.11
CA GLY A 152 -24.73 -21.31 3.48
C GLY A 152 -23.85 -21.30 2.25
N GLU A 153 -24.25 -20.56 1.24
CA GLU A 153 -23.51 -20.45 -0.01
C GLU A 153 -22.02 -20.15 0.18
N ALA A 154 -21.69 -19.40 1.23
CA ALA A 154 -20.30 -19.13 1.58
C ALA A 154 -19.57 -20.39 2.03
N ARG A 155 -20.23 -21.13 2.92
CA ARG A 155 -19.71 -22.41 3.41
C ARG A 155 -19.57 -23.40 2.26
N ALA A 156 -20.55 -23.38 1.36
CA ALA A 156 -20.57 -24.23 0.20
C ALA A 156 -19.26 -24.19 -0.62
N VAL A 157 -18.65 -23.01 -0.72
CA VAL A 157 -17.42 -22.82 -1.50
C VAL A 157 -16.14 -23.16 -0.74
N LEU A 158 -16.14 -22.84 0.56
CA LEU A 158 -14.96 -22.97 1.41
C LEU A 158 -15.13 -24.06 2.45
N LYS A 159 -14.70 -25.28 2.14
CA LYS A 159 -15.00 -26.41 3.00
C LYS A 159 -14.29 -26.29 4.36
N TRP A 160 -13.07 -25.77 4.38
CA TRP A 160 -12.25 -25.78 5.60
C TRP A 160 -12.01 -24.42 6.19
N ALA A 161 -13.00 -23.54 6.17
CA ALA A 161 -12.79 -22.20 6.73
C ALA A 161 -13.51 -22.04 8.04
N ASP A 162 -12.97 -21.18 8.91
CA ASP A 162 -13.57 -20.88 10.20
C ASP A 162 -14.98 -20.31 10.06
N GLY A 163 -15.96 -21.01 10.64
CA GLY A 163 -17.33 -20.53 10.65
C GLY A 163 -17.55 -19.11 11.16
N LYS A 164 -16.81 -18.72 12.19
N LYS A 164 -16.81 -18.72 12.19
CA LYS A 164 -16.96 -17.37 12.74
C LYS A 164 -16.44 -16.35 11.74
C LYS A 164 -16.44 -16.35 11.74
N MET A 165 -15.26 -16.63 11.19
CA MET A 165 -14.65 -15.79 10.16
C MET A 165 -15.58 -15.48 8.98
N ILE A 166 -16.35 -16.48 8.57
CA ILE A 166 -17.33 -16.33 7.51
C ILE A 166 -18.49 -15.46 7.96
N LYS A 167 -18.95 -15.64 9.20
CA LYS A 167 -20.05 -14.83 9.70
C LYS A 167 -19.63 -13.38 9.69
N ASN A 168 -18.45 -13.12 10.22
CA ASN A 168 -17.97 -11.76 10.36
C ASN A 168 -17.74 -11.07 9.03
N GLU A 169 -17.51 -11.84 7.97
CA GLU A 169 -17.33 -11.24 6.67
C GLU A 169 -18.71 -10.92 6.13
N VAL A 170 -19.65 -11.85 6.33
CA VAL A 170 -21.04 -11.64 5.97
C VAL A 170 -21.62 -10.42 6.66
N ASP A 171 -21.61 -10.45 8.00
CA ASP A 171 -22.12 -9.35 8.82
C ASP A 171 -21.59 -8.00 8.35
N MET A 172 -20.31 -7.96 7.98
CA MET A 172 -19.70 -6.71 7.57
C MET A 172 -20.21 -6.28 6.21
N GLN A 173 -20.00 -7.16 5.22
CA GLN A 173 -20.41 -6.86 3.87
C GLN A 173 -21.91 -6.53 3.70
N VAL A 174 -22.77 -7.12 4.53
CA VAL A 174 -24.17 -6.73 4.56
C VAL A 174 -24.41 -5.31 5.05
N LEU A 175 -23.71 -4.93 6.10
CA LEU A 175 -23.84 -3.58 6.63
C LEU A 175 -23.35 -2.54 5.61
N HIS A 176 -22.35 -2.89 4.80
CA HIS A 176 -21.93 -1.99 3.75
C HIS A 176 -23.02 -1.76 2.72
N LEU A 177 -23.79 -2.80 2.47
CA LEU A 177 -24.81 -2.77 1.45
C LEU A 177 -26.11 -2.19 1.98
N LEU A 178 -26.49 -2.60 3.17
CA LEU A 178 -27.78 -2.19 3.68
C LEU A 178 -27.65 -0.83 4.32
N GLY A 179 -26.46 -0.56 4.81
CA GLY A 179 -26.31 0.50 5.80
C GLY A 179 -26.90 0.05 7.13
N PRO A 180 -26.79 0.91 8.15
CA PRO A 180 -27.26 0.76 9.53
C PRO A 180 -28.64 0.08 9.69
N LYS A 181 -28.82 -0.69 10.76
CA LYS A 181 -30.16 -1.16 11.13
C LYS A 181 -30.79 -0.15 12.09
N LEU A 182 -31.94 0.40 11.72
CA LEU A 182 -32.51 1.50 12.50
C LEU A 182 -33.71 1.06 13.39
N GLU A 183 -33.52 -0.07 14.08
CA GLU A 183 -34.47 -0.59 15.07
C GLU A 183 -34.17 -0.08 16.49
N THR A 218 15.31 -2.78 10.57
CA THR A 218 13.89 -2.58 10.42
C THR A 218 13.07 -3.86 10.68
N LEU A 219 11.85 -3.87 10.17
CA LEU A 219 10.91 -4.98 10.37
C LEU A 219 9.94 -5.04 9.17
N SER A 220 8.82 -5.74 9.33
CA SER A 220 7.76 -5.75 8.32
C SER A 220 6.77 -4.62 8.54
N LEU A 221 6.01 -4.29 7.49
CA LEU A 221 5.21 -3.06 7.53
C LEU A 221 3.82 -3.21 8.17
N MET A 222 3.19 -4.37 8.07
CA MET A 222 1.87 -4.52 8.67
C MET A 222 1.95 -5.21 10.02
N GLU A 223 3.12 -5.12 10.62
CA GLU A 223 3.33 -5.46 12.01
C GLU A 223 3.72 -4.16 12.66
N GLN A 224 4.41 -3.36 11.85
CA GLN A 224 4.78 -2.00 12.21
C GLN A 224 3.54 -1.09 12.30
N LEU A 225 2.52 -1.41 11.49
CA LEU A 225 1.29 -0.61 11.38
C LEU A 225 0.11 -1.25 12.11
N ARG A 226 0.38 -2.27 12.90
CA ARG A 226 -0.65 -2.80 13.77
C ARG A 226 -1.08 -1.68 14.69
N GLY A 227 -2.39 -1.51 14.86
CA GLY A 227 -2.92 -0.49 15.74
C GLY A 227 -2.36 -0.55 17.14
N GLU A 228 -2.15 -1.78 17.64
CA GLU A 228 -1.57 -2.02 18.96
C GLU A 228 -0.12 -1.52 19.04
N ALA A 229 0.61 -1.63 17.93
CA ALA A 229 2.02 -1.24 17.85
C ALA A 229 2.21 0.27 17.65
N LEU A 230 1.11 1.02 17.74
CA LEU A 230 1.18 2.47 17.58
C LEU A 230 0.48 3.16 18.74
N LYS A 231 -0.19 2.36 19.57
CA LYS A 231 -1.00 2.83 20.69
C LYS A 231 -2.12 3.78 20.23
N PHE A 232 -2.66 3.51 19.04
CA PHE A 232 -3.84 4.23 18.54
C PHE A 232 -5.09 3.59 19.12
N HIS A 233 -6.12 4.41 19.32
CA HIS A 233 -7.39 3.96 19.88
C HIS A 233 -8.10 2.88 19.05
N LYS A 234 -8.73 1.92 19.73
CA LYS A 234 -9.68 1.01 19.08
C LYS A 234 -10.89 1.81 18.64
N PRO A 235 -11.52 1.42 17.53
CA PRO A 235 -12.65 2.20 17.04
C PRO A 235 -13.80 2.32 18.04
N GLY A 236 -14.47 3.47 18.00
CA GLY A 236 -15.51 3.81 18.95
C GLY A 236 -14.95 4.43 20.21
N GLU A 237 -13.69 4.16 20.50
CA GLU A 237 -13.10 4.61 21.76
C GLU A 237 -12.27 5.88 21.63
N ASN A 238 -12.72 6.82 20.79
CA ASN A 238 -12.04 8.10 20.57
C ASN A 238 -11.75 8.86 21.85
N TYR A 239 -12.58 8.62 22.87
CA TYR A 239 -12.63 9.46 24.07
C TYR A 239 -11.43 9.18 25.01
N LYS A 240 -10.53 8.29 24.57
CA LYS A 240 -9.31 8.01 25.30
C LYS A 240 -8.08 8.71 24.72
N THR A 241 -8.25 9.57 23.72
CA THR A 241 -7.07 10.13 23.06
C THR A 241 -6.80 11.56 23.57
N PRO A 242 -5.54 12.01 23.52
CA PRO A 242 -5.14 13.35 23.95
C PRO A 242 -5.98 14.47 23.33
N GLY A 243 -6.56 15.31 24.17
CA GLY A 243 -7.27 16.47 23.68
C GLY A 243 -8.74 16.25 23.36
N TYR A 244 -9.15 14.99 23.19
CA TYR A 244 -10.55 14.70 22.84
C TYR A 244 -11.51 15.34 23.84
N VAL A 245 -12.50 16.05 23.33
CA VAL A 245 -13.46 16.69 24.18
C VAL A 245 -14.70 15.84 24.27
N VAL A 246 -15.08 15.50 25.49
CA VAL A 246 -16.30 14.76 25.67
C VAL A 246 -17.36 15.78 26.00
N THR A 247 -18.28 15.95 25.05
CA THR A 247 -19.45 16.83 25.16
C THR A 247 -20.58 15.96 25.66
N PRO A 248 -21.76 16.55 25.94
CA PRO A 248 -22.85 15.68 26.40
C PRO A 248 -23.46 14.75 25.35
N HIS A 249 -23.00 14.82 24.10
CA HIS A 249 -23.50 13.93 23.06
C HIS A 249 -22.48 12.89 22.63
N THR A 250 -21.22 13.14 22.96
CA THR A 250 -20.12 12.29 22.52
C THR A 250 -20.37 10.80 22.72
N MET A 251 -21.08 10.42 23.77
CA MET A 251 -21.33 9.01 23.94
C MET A 251 -22.46 8.53 23.01
N ASN A 252 -23.56 9.25 22.94
CA ASN A 252 -24.62 8.93 21.99
CA ASN A 252 -24.59 8.84 21.99
C ASN A 252 -24.09 8.98 20.55
N LEU A 253 -23.14 9.88 20.32
CA LEU A 253 -22.56 10.08 19.01
C LEU A 253 -21.67 8.94 18.63
N LEU A 254 -20.98 8.36 19.60
CA LEU A 254 -20.11 7.24 19.28
C LEU A 254 -20.94 5.96 19.18
N LYS A 255 -22.05 5.94 19.90
CA LYS A 255 -23.00 4.85 19.79
C LYS A 255 -23.50 4.78 18.34
N GLN A 256 -24.09 5.86 17.84
CA GLN A 256 -24.51 5.93 16.43
C GLN A 256 -23.36 5.58 15.46
N HIS A 257 -22.17 6.11 15.76
CA HIS A 257 -21.02 5.87 14.92
C HIS A 257 -20.82 4.35 14.74
N LEU A 258 -20.81 3.59 15.83
CA LEU A 258 -20.58 2.15 15.71
C LEU A 258 -21.72 1.37 14.98
N GLU A 259 -22.97 1.82 15.13
CA GLU A 259 -24.06 1.25 14.33
C GLU A 259 -23.76 1.39 12.82
N ILE A 260 -23.08 2.47 12.44
CA ILE A 260 -22.78 2.76 11.04
C ILE A 260 -21.58 1.97 10.54
N THR A 261 -20.63 1.67 11.43
CA THR A 261 -19.34 1.21 10.95
C THR A 261 -18.98 -0.18 11.41
N GLY A 262 -19.83 -0.80 12.21
CA GLY A 262 -19.51 -2.11 12.74
C GLY A 262 -18.18 -2.18 13.49
N GLY A 263 -17.78 -1.06 14.09
CA GLY A 263 -16.53 -1.00 14.84
C GLY A 263 -15.27 -1.11 14.00
N GLN A 264 -15.42 -0.99 12.69
CA GLN A 264 -14.30 -1.17 11.77
C GLN A 264 -13.40 0.07 11.64
N VAL A 265 -12.10 -0.13 11.43
CA VAL A 265 -11.21 0.99 11.17
C VAL A 265 -11.54 1.66 9.84
N ARG A 266 -11.61 2.98 9.81
CA ARG A 266 -11.76 3.67 8.53
C ARG A 266 -10.77 4.79 8.40
N THR A 267 -9.94 4.77 7.36
CA THR A 267 -9.02 5.87 7.08
C THR A 267 -9.29 6.51 5.72
N ARG A 268 -8.61 7.61 5.43
CA ARG A 268 -8.80 8.27 4.15
C ARG A 268 -7.52 8.87 3.62
N PHE A 269 -7.38 8.89 2.31
CA PHE A 269 -6.23 9.54 1.71
C PHE A 269 -6.69 10.57 0.71
N PRO A 270 -6.49 11.86 1.03
CA PRO A 270 -7.20 12.93 0.34
C PRO A 270 -6.41 13.90 -0.53
N PRO A 271 -5.91 13.43 -1.69
CA PRO A 271 -5.15 14.31 -2.57
C PRO A 271 -5.99 15.20 -3.47
N GLU A 272 -5.31 16.07 -4.21
CA GLU A 272 -5.90 16.96 -5.20
C GLU A 272 -6.06 16.24 -6.52
N PRO A 273 -7.24 16.34 -7.14
CA PRO A 273 -7.44 15.65 -8.41
C PRO A 273 -6.47 16.12 -9.51
N ASN A 274 -5.90 17.31 -9.36
CA ASN A 274 -4.94 17.80 -10.34
C ASN A 274 -3.54 17.89 -9.77
N GLY A 275 -3.32 17.23 -8.64
CA GLY A 275 -2.04 17.28 -7.96
C GLY A 275 -1.07 16.30 -8.57
N ILE A 276 0.17 16.31 -8.07
CA ILE A 276 1.23 15.49 -8.60
C ILE A 276 1.99 14.75 -7.51
N LEU A 277 1.65 13.49 -7.30
CA LEU A 277 2.25 12.71 -6.22
C LEU A 277 3.77 12.55 -6.31
N HIS A 278 4.43 12.83 -5.20
CA HIS A 278 5.86 12.62 -5.09
C HIS A 278 6.15 11.54 -4.07
N ILE A 279 7.42 11.32 -3.76
CA ILE A 279 7.84 10.25 -2.87
C ILE A 279 7.42 10.50 -1.41
N GLY A 280 7.15 11.75 -1.08
CA GLY A 280 6.60 12.08 0.23
C GLY A 280 5.31 11.31 0.38
N HIS A 281 4.42 11.50 -0.60
CA HIS A 281 3.10 10.89 -0.58
C HIS A 281 3.10 9.37 -0.45
N ALA A 282 4.28 8.76 -0.49
CA ALA A 282 4.38 7.32 -0.27
C ALA A 282 4.23 7.00 1.21
N LYS A 283 4.67 7.89 2.09
CA LYS A 283 4.45 7.63 3.50
C LYS A 283 2.95 7.78 3.72
N ALA A 284 2.36 8.73 2.98
CA ALA A 284 0.95 9.05 3.11
C ALA A 284 0.10 7.85 2.73
N ILE A 285 0.38 7.33 1.55
CA ILE A 285 -0.36 6.21 1.03
C ILE A 285 -0.20 4.98 1.91
N ASN A 286 1.04 4.71 2.30
CA ASN A 286 1.32 3.50 3.06
C ASN A 286 0.74 3.55 4.44
N PHE A 287 0.80 4.72 5.05
CA PHE A 287 0.16 4.89 6.33
C PHE A 287 -1.36 4.67 6.21
N ASN A 288 -2.03 5.50 5.42
CA ASN A 288 -3.49 5.50 5.38
C ASN A 288 -4.14 4.22 4.83
N PHE A 289 -3.65 3.67 3.72
CA PHE A 289 -4.17 2.39 3.21
C PHE A 289 -3.64 1.22 4.00
N GLY A 290 -2.40 1.35 4.45
CA GLY A 290 -1.72 0.28 5.13
C GLY A 290 -2.22 0.15 6.55
N TYR A 291 -2.54 1.28 7.18
CA TYR A 291 -3.05 1.19 8.54
C TYR A 291 -4.38 0.48 8.49
N ALA A 292 -5.15 0.80 7.47
CA ALA A 292 -6.45 0.19 7.31
C ALA A 292 -6.29 -1.29 7.02
N LYS A 293 -5.29 -1.65 6.21
CA LYS A 293 -5.05 -3.04 5.84
C LYS A 293 -4.65 -3.86 7.05
N ALA A 294 -3.67 -3.35 7.79
CA ALA A 294 -3.13 -4.06 8.95
C ALA A 294 -4.14 -4.23 10.08
N ASN A 295 -5.28 -3.56 9.96
CA ASN A 295 -6.26 -3.58 11.03
C ASN A 295 -7.67 -3.87 10.55
N ASN A 296 -7.76 -4.64 9.48
CA ASN A 296 -9.05 -5.06 8.91
C ASN A 296 -10.00 -3.92 8.55
N GLY A 297 -9.46 -2.81 8.09
CA GLY A 297 -10.28 -1.64 7.85
C GLY A 297 -10.42 -1.30 6.40
N ILE A 298 -10.91 -0.09 6.13
CA ILE A 298 -11.11 0.41 4.78
C ILE A 298 -10.51 1.81 4.62
N CYS A 299 -10.07 2.14 3.42
CA CYS A 299 -9.51 3.46 3.16
C CYS A 299 -10.20 4.05 1.94
N PHE A 300 -10.71 5.27 2.09
CA PHE A 300 -11.37 5.96 1.00
C PHE A 300 -10.35 6.76 0.25
N LEU A 301 -10.37 6.70 -1.05
CA LEU A 301 -9.61 7.66 -1.81
C LEU A 301 -10.55 8.83 -1.96
N ARG A 302 -10.33 9.86 -1.15
CA ARG A 302 -11.16 11.05 -1.19
C ARG A 302 -10.47 12.20 -1.86
N PHE A 303 -10.77 12.42 -3.13
CA PHE A 303 -10.21 13.55 -3.84
C PHE A 303 -10.66 14.88 -3.23
N ASP A 304 -9.69 15.73 -2.90
CA ASP A 304 -10.01 17.09 -2.52
C ASP A 304 -10.24 18.01 -3.72
N ASP A 305 -11.51 18.13 -4.15
CA ASP A 305 -11.84 19.04 -5.22
C ASP A 305 -12.72 20.19 -4.77
N THR A 306 -12.45 20.75 -3.60
CA THR A 306 -13.24 21.89 -3.12
C THR A 306 -13.04 23.14 -3.98
N ASN A 307 -11.84 23.32 -4.53
CA ASN A 307 -11.60 24.45 -5.42
C ASN A 307 -11.92 24.06 -6.86
N PRO A 308 -12.66 24.92 -7.59
CA PRO A 308 -13.08 24.64 -8.98
C PRO A 308 -12.02 24.95 -10.03
N GLU A 309 -11.50 23.91 -10.69
CA GLU A 309 -10.47 24.02 -11.72
C GLU A 309 -10.89 23.36 -13.02
N LYS A 310 -10.21 23.68 -14.12
CA LYS A 310 -10.35 22.88 -15.34
C LYS A 310 -9.62 21.56 -15.09
N GLU A 311 -10.13 20.46 -15.65
CA GLU A 311 -9.56 19.14 -15.39
C GLU A 311 -8.42 18.80 -16.33
N GLU A 312 -7.31 18.32 -15.75
CA GLU A 312 -6.21 17.75 -16.51
C GLU A 312 -6.10 16.25 -16.16
N ALA A 313 -6.63 15.42 -17.06
CA ALA A 313 -6.79 13.99 -16.78
C ALA A 313 -5.45 13.27 -16.71
N LYS A 314 -4.39 13.94 -17.16
CA LYS A 314 -3.04 13.39 -17.08
C LYS A 314 -2.74 13.00 -15.64
N PHE A 315 -2.86 13.96 -14.73
CA PHE A 315 -2.46 13.77 -13.34
C PHE A 315 -3.46 12.93 -12.58
N PHE A 316 -4.73 13.14 -12.90
CA PHE A 316 -5.80 12.50 -12.18
C PHE A 316 -5.72 10.99 -12.28
N THR A 317 -5.52 10.49 -13.49
CA THR A 317 -5.45 9.06 -13.66
C THR A 317 -4.16 8.56 -13.03
N ALA A 318 -3.10 9.34 -13.17
CA ALA A 318 -1.80 8.99 -12.59
C ALA A 318 -1.84 8.86 -11.05
N ILE A 319 -2.88 9.42 -10.41
CA ILE A 319 -3.01 9.31 -8.96
C ILE A 319 -3.63 7.98 -8.57
N CYS A 320 -4.66 7.59 -9.32
CA CYS A 320 -5.29 6.29 -9.09
C CYS A 320 -4.29 5.20 -9.41
N ASP A 321 -3.60 5.39 -10.54
CA ASP A 321 -2.51 4.53 -11.01
C ASP A 321 -1.47 4.26 -9.94
N MET A 322 -0.93 5.33 -9.38
CA MET A 322 0.12 5.21 -8.39
C MET A 322 -0.38 4.54 -7.12
N VAL A 323 -1.63 4.78 -6.76
CA VAL A 323 -2.25 4.09 -5.64
C VAL A 323 -2.21 2.59 -5.90
N ALA A 324 -2.71 2.21 -7.08
CA ALA A 324 -2.71 0.85 -7.56
C ALA A 324 -1.31 0.29 -7.52
N TRP A 325 -0.40 1.02 -8.14
CA TRP A 325 0.97 0.57 -8.36
C TRP A 325 1.65 0.09 -7.08
N LEU A 326 1.42 0.77 -5.97
CA LEU A 326 2.03 0.36 -4.71
C LEU A 326 1.25 -0.75 -3.97
N GLY A 327 0.20 -1.29 -4.60
CA GLY A 327 -0.45 -2.50 -4.09
C GLY A 327 -1.76 -2.31 -3.35
N TYR A 328 -2.25 -1.07 -3.33
CA TYR A 328 -3.44 -0.77 -2.57
C TYR A 328 -4.65 -0.47 -3.45
N THR A 329 -5.81 -0.87 -2.94
CA THR A 329 -7.08 -0.68 -3.60
C THR A 329 -8.05 0.03 -2.66
N PRO A 330 -8.40 1.28 -2.97
CA PRO A 330 -9.39 2.04 -2.19
C PRO A 330 -10.68 1.26 -2.01
N TYR A 331 -11.30 1.32 -0.85
CA TYR A 331 -12.57 0.65 -0.69
C TYR A 331 -13.66 1.34 -1.49
N LYS A 332 -13.54 2.65 -1.65
CA LYS A 332 -14.51 3.46 -2.43
C LYS A 332 -13.80 4.74 -2.87
N VAL A 333 -14.14 5.31 -4.02
CA VAL A 333 -13.47 6.54 -4.44
C VAL A 333 -14.43 7.67 -4.34
N THR A 334 -14.05 8.71 -3.62
CA THR A 334 -15.04 9.73 -3.35
C THR A 334 -14.49 11.15 -3.53
N TYR A 335 -15.38 12.09 -3.81
CA TYR A 335 -14.97 13.46 -4.04
C TYR A 335 -15.52 14.36 -2.94
N ALA A 336 -14.81 15.44 -2.59
CA ALA A 336 -15.34 16.32 -1.57
C ALA A 336 -16.59 17.01 -2.09
N SER A 337 -16.65 17.23 -3.41
CA SER A 337 -17.80 17.91 -4.02
C SER A 337 -19.09 17.12 -3.78
N ASP A 338 -18.96 15.80 -3.63
CA ASP A 338 -20.06 14.95 -3.17
C ASP A 338 -20.77 15.52 -1.97
N TYR A 339 -20.09 16.31 -1.16
CA TYR A 339 -20.69 16.70 0.09
C TYR A 339 -21.09 18.18 0.20
N PHE A 340 -21.09 18.88 -0.93
CA PHE A 340 -21.42 20.31 -0.91
C PHE A 340 -22.76 20.65 -0.26
N ASP A 341 -23.80 19.86 -0.51
CA ASP A 341 -25.11 20.17 0.07
C ASP A 341 -25.00 20.10 1.59
N GLN A 342 -24.28 19.06 2.03
CA GLN A 342 -24.16 18.81 3.46
C GLN A 342 -23.37 19.92 4.14
N LEU A 343 -22.21 20.28 3.59
CA LEU A 343 -21.38 21.35 4.15
C LEU A 343 -22.17 22.67 4.26
N TYR A 344 -22.90 23.04 3.21
CA TYR A 344 -23.69 24.26 3.23
C TYR A 344 -24.76 24.19 4.37
N ALA A 345 -25.52 23.11 4.47
CA ALA A 345 -26.47 22.96 5.57
C ALA A 345 -25.82 23.17 6.92
N TRP A 346 -24.61 22.59 7.06
CA TRP A 346 -23.89 22.70 8.31
C TRP A 346 -23.36 24.09 8.56
N ALA A 347 -22.74 24.67 7.55
CA ALA A 347 -22.43 26.10 7.57
C ALA A 347 -23.64 26.96 8.04
N VAL A 348 -24.85 26.68 7.56
CA VAL A 348 -26.00 27.48 7.99
C VAL A 348 -26.28 27.27 9.47
N GLU A 349 -26.05 26.05 9.96
CA GLU A 349 -26.23 25.80 11.39
C GLU A 349 -25.23 26.61 12.25
N LEU A 350 -23.97 26.56 11.83
CA LEU A 350 -22.98 27.43 12.40
C LEU A 350 -23.46 28.88 12.60
N ILE A 351 -24.07 29.45 11.57
CA ILE A 351 -24.54 30.84 11.68
C ILE A 351 -25.62 30.95 12.74
N ARG A 352 -26.63 30.12 12.67
CA ARG A 352 -27.71 30.10 13.66
C ARG A 352 -27.20 29.95 15.08
N ARG A 353 -26.14 29.15 15.23
CA ARG A 353 -25.56 28.85 16.52
C ARG A 353 -24.58 29.94 16.96
N GLY A 354 -24.61 31.06 16.25
CA GLY A 354 -23.84 32.23 16.62
C GLY A 354 -22.35 32.15 16.40
N LEU A 355 -21.91 31.12 15.67
CA LEU A 355 -20.49 30.76 15.60
C LEU A 355 -19.81 31.03 14.28
N ALA A 356 -20.46 31.81 13.41
CA ALA A 356 -19.94 32.09 12.09
C ALA A 356 -20.67 33.30 11.55
N TYR A 357 -20.01 34.06 10.69
CA TYR A 357 -20.58 35.29 10.20
C TYR A 357 -20.08 35.64 8.79
N VAL A 358 -20.76 36.62 8.19
CA VAL A 358 -20.40 37.01 6.83
C VAL A 358 -19.55 38.27 6.88
N CYS A 359 -18.40 38.19 6.23
CA CYS A 359 -17.42 39.24 6.32
C CYS A 359 -17.14 39.93 4.99
N HIS A 360 -16.90 41.23 5.08
CA HIS A 360 -16.53 42.01 3.88
C HIS A 360 -15.09 42.52 3.85
N GLN A 361 -14.24 42.06 4.75
CA GLN A 361 -12.81 42.34 4.66
C GLN A 361 -12.20 41.63 3.43
N ARG A 362 -11.15 42.21 2.86
CA ARG A 362 -10.45 41.61 1.72
C ARG A 362 -9.31 40.67 2.14
N GLY A 363 -8.40 40.39 1.19
CA GLY A 363 -7.30 39.44 1.40
C GLY A 363 -6.07 40.04 2.04
N GLU A 364 -4.97 39.26 2.04
CA GLU A 364 -3.74 39.55 2.78
C GLU A 364 -3.96 39.36 4.28
N THR A 371 -2.99 40.51 11.15
CA THR A 371 -4.39 40.29 10.81
C THR A 371 -5.31 41.29 11.53
N LEU A 372 -5.97 42.14 10.74
CA LEU A 372 -6.88 43.17 11.23
C LEU A 372 -8.22 42.61 11.76
N PRO A 373 -8.84 43.25 12.78
CA PRO A 373 -10.11 42.72 13.34
C PRO A 373 -11.35 43.17 12.56
N SER A 374 -12.26 42.24 12.28
CA SER A 374 -13.36 42.50 11.36
C SER A 374 -14.53 43.24 11.97
N PRO A 375 -14.94 44.34 11.32
CA PRO A 375 -16.08 45.20 11.67
C PRO A 375 -17.39 44.45 11.78
N TRP A 376 -17.42 43.23 11.23
CA TRP A 376 -18.66 42.51 10.99
C TRP A 376 -18.87 41.32 11.88
N ARG A 377 -17.91 40.99 12.72
CA ARG A 377 -18.01 39.73 13.40
C ARG A 377 -19.11 39.71 14.47
N ASP A 378 -19.75 40.84 14.73
CA ASP A 378 -20.82 40.84 15.72
C ASP A 378 -22.11 41.27 15.08
N ARG A 379 -22.14 41.25 13.76
CA ARG A 379 -23.36 41.55 13.02
C ARG A 379 -24.40 40.54 13.46
N PRO A 380 -25.68 40.95 13.49
CA PRO A 380 -26.76 40.08 13.97
C PRO A 380 -26.90 38.80 13.13
N MET A 381 -27.57 37.79 13.69
CA MET A 381 -27.57 36.49 13.04
C MET A 381 -28.41 36.48 11.77
N GLU A 382 -29.54 37.18 11.84
CA GLU A 382 -30.45 37.20 10.71
C GLU A 382 -29.77 37.97 9.58
N GLU A 383 -28.93 38.92 9.94
CA GLU A 383 -28.11 39.63 8.98
C GLU A 383 -27.10 38.71 8.27
N SER A 384 -26.62 37.69 8.96
CA SER A 384 -25.65 36.77 8.38
C SER A 384 -26.32 35.72 7.45
N LEU A 385 -27.52 35.28 7.82
CA LEU A 385 -28.29 34.33 6.98
C LEU A 385 -28.59 34.98 5.65
N LEU A 386 -29.14 36.20 5.74
CA LEU A 386 -29.49 36.97 4.57
C LEU A 386 -28.31 37.02 3.65
N LEU A 387 -27.16 37.34 4.21
CA LEU A 387 -26.03 37.58 3.34
C LEU A 387 -25.40 36.30 2.80
N PHE A 388 -25.52 35.18 3.54
CA PHE A 388 -24.93 33.92 3.11
C PHE A 388 -25.75 33.36 1.99
N GLU A 389 -27.07 33.55 2.08
CA GLU A 389 -27.95 33.24 0.97
C GLU A 389 -27.52 34.08 -0.25
N ALA A 390 -27.52 35.40 -0.10
CA ALA A 390 -27.13 36.26 -1.22
C ALA A 390 -25.82 35.79 -1.85
N MET A 391 -24.85 35.43 -1.02
CA MET A 391 -23.58 34.89 -1.49
C MET A 391 -23.86 33.71 -2.42
N ARG A 392 -24.68 32.80 -1.93
CA ARG A 392 -25.04 31.59 -2.67
C ARG A 392 -25.76 31.86 -3.99
N LYS A 393 -26.69 32.82 -3.97
CA LYS A 393 -27.40 33.23 -5.18
C LYS A 393 -26.54 34.12 -6.09
N GLY A 394 -25.24 34.18 -5.82
CA GLY A 394 -24.30 34.89 -6.67
C GLY A 394 -24.49 36.39 -6.77
N LYS A 395 -24.89 37.02 -5.67
CA LYS A 395 -25.08 38.46 -5.60
C LYS A 395 -23.80 39.28 -5.27
N PHE A 396 -22.71 38.58 -4.88
CA PHE A 396 -21.40 39.23 -4.55
C PHE A 396 -20.29 38.80 -5.49
N SER A 397 -19.38 39.74 -5.80
CA SER A 397 -18.21 39.41 -6.61
C SER A 397 -17.23 38.51 -5.85
N GLU A 398 -16.35 37.80 -6.55
CA GLU A 398 -15.33 37.03 -5.88
C GLU A 398 -14.65 37.93 -4.89
N GLY A 399 -14.72 37.56 -3.61
CA GLY A 399 -13.97 38.22 -2.57
C GLY A 399 -14.61 39.50 -2.06
N GLU A 400 -15.84 39.75 -2.44
CA GLU A 400 -16.57 40.88 -1.90
C GLU A 400 -17.22 40.48 -0.60
N ALA A 401 -17.25 39.18 -0.34
CA ALA A 401 -17.91 38.66 0.85
C ALA A 401 -17.41 37.26 1.16
N THR A 402 -17.44 36.91 2.43
CA THR A 402 -16.81 35.69 2.90
C THR A 402 -17.60 35.17 4.12
N LEU A 403 -17.63 33.86 4.28
CA LEU A 403 -18.11 33.30 5.55
C LEU A 403 -16.92 32.95 6.40
N ARG A 404 -16.91 33.44 7.64
CA ARG A 404 -15.85 33.05 8.59
C ARG A 404 -16.40 32.49 9.89
N MET A 405 -15.64 31.59 10.47
CA MET A 405 -15.96 31.06 11.80
C MET A 405 -15.56 32.01 12.93
N LYS A 406 -16.38 32.14 13.96
CA LYS A 406 -16.19 33.15 14.99
C LYS A 406 -15.44 32.56 16.20
N LEU A 407 -14.13 32.81 16.22
CA LEU A 407 -13.20 31.96 16.90
C LEU A 407 -11.75 32.53 16.86
N VAL A 408 -10.97 32.36 17.92
CA VAL A 408 -9.53 32.60 17.83
C VAL A 408 -8.77 31.29 18.09
N MET A 409 -7.74 31.09 17.27
CA MET A 409 -7.04 29.81 17.22
C MET A 409 -5.93 29.68 18.24
N GLU A 410 -5.48 28.44 18.43
CA GLU A 410 -4.39 28.11 19.34
C GLU A 410 -3.12 28.98 19.11
N ASP A 411 -2.89 29.37 17.86
CA ASP A 411 -1.68 30.12 17.48
C ASP A 411 -1.98 31.60 17.24
N GLY A 412 -3.17 32.05 17.64
CA GLY A 412 -3.49 33.45 17.53
C GLY A 412 -4.27 33.88 16.31
N LYS A 413 -4.41 33.03 15.28
CA LYS A 413 -5.16 33.47 14.10
C LYS A 413 -6.66 33.71 14.36
N MET A 414 -7.19 34.85 13.91
CA MET A 414 -8.60 35.18 14.12
C MET A 414 -9.55 34.86 12.94
N ASP A 415 -10.68 34.25 13.28
CA ASP A 415 -11.82 34.02 12.37
C ASP A 415 -11.44 33.43 10.98
N PRO A 416 -11.06 32.13 10.94
CA PRO A 416 -10.72 31.51 9.67
C PRO A 416 -11.94 31.34 8.72
N VAL A 417 -11.68 31.63 7.46
CA VAL A 417 -12.67 31.64 6.40
C VAL A 417 -13.28 30.22 6.08
N ALA A 418 -14.62 30.08 6.15
CA ALA A 418 -15.24 28.81 5.73
C ALA A 418 -15.66 28.78 4.23
N TYR A 419 -16.29 29.86 3.75
CA TYR A 419 -16.74 29.88 2.35
C TYR A 419 -16.18 31.08 1.62
N ARG A 420 -15.69 30.80 0.40
CA ARG A 420 -15.31 31.83 -0.55
C ARG A 420 -16.20 31.81 -1.80
N VAL A 421 -16.39 32.96 -2.43
CA VAL A 421 -17.12 33.07 -3.70
C VAL A 421 -16.26 32.85 -4.96
N LYS A 422 -16.53 31.79 -5.71
CA LYS A 422 -15.77 31.51 -6.94
C LYS A 422 -16.70 31.24 -8.15
N TYR A 423 -16.44 31.91 -9.28
CA TYR A 423 -17.30 31.82 -10.44
C TYR A 423 -16.74 30.94 -11.56
N THR A 424 -15.52 30.44 -11.38
CA THR A 424 -14.97 29.45 -12.31
C THR A 424 -15.84 28.18 -12.24
N PRO A 425 -16.30 27.68 -13.40
CA PRO A 425 -17.12 26.47 -13.42
C PRO A 425 -16.39 25.27 -12.84
N HIS A 426 -17.12 24.41 -12.13
CA HIS A 426 -16.54 23.27 -11.42
C HIS A 426 -16.70 21.99 -12.20
N HIS A 427 -15.60 21.23 -12.30
CA HIS A 427 -15.57 20.00 -13.10
C HIS A 427 -16.65 18.93 -12.83
N ARG A 428 -17.17 18.84 -11.60
CA ARG A 428 -18.26 17.91 -11.34
C ARG A 428 -19.60 18.62 -11.13
N THR A 429 -19.73 19.51 -10.16
CA THR A 429 -21.03 20.16 -9.96
C THR A 429 -21.30 21.31 -10.93
N GLY A 430 -20.45 21.46 -11.94
CA GLY A 430 -20.74 22.42 -12.99
C GLY A 430 -20.84 23.86 -12.52
N ASP A 431 -22.00 24.46 -12.70
CA ASP A 431 -22.20 25.86 -12.35
C ASP A 431 -23.27 25.95 -11.25
N LYS A 432 -23.42 24.85 -10.53
CA LYS A 432 -24.50 24.75 -9.56
C LYS A 432 -24.20 25.59 -8.29
N TRP A 433 -22.91 25.72 -8.01
CA TRP A 433 -22.39 26.42 -6.83
C TRP A 433 -21.56 27.61 -7.29
N CYS A 434 -21.66 28.74 -6.60
CA CYS A 434 -20.70 29.81 -6.85
C CYS A 434 -20.01 30.17 -5.56
N ILE A 435 -20.39 29.49 -4.47
CA ILE A 435 -19.67 29.59 -3.21
C ILE A 435 -19.04 28.24 -2.86
N TYR A 436 -17.82 28.25 -2.31
CA TYR A 436 -17.13 26.99 -2.00
C TYR A 436 -16.49 26.95 -0.62
N PRO A 437 -16.57 25.77 0.03
CA PRO A 437 -15.99 25.64 1.37
C PRO A 437 -14.48 25.51 1.26
N THR A 438 -13.80 26.10 2.22
CA THR A 438 -12.36 26.10 2.29
C THR A 438 -11.81 24.78 2.80
N TYR A 439 -10.55 24.50 2.48
CA TYR A 439 -9.94 23.20 2.73
C TYR A 439 -10.02 22.79 4.19
N ASP A 440 -9.71 23.71 5.07
CA ASP A 440 -9.73 23.41 6.50
C ASP A 440 -11.10 22.96 6.97
N TYR A 441 -12.09 23.81 6.72
CA TYR A 441 -13.50 23.50 7.04
C TYR A 441 -13.96 22.15 6.54
N THR A 442 -13.47 21.78 5.37
CA THR A 442 -14.05 20.72 4.61
C THR A 442 -13.56 19.37 5.12
N HIS A 443 -12.26 19.17 5.11
CA HIS A 443 -11.77 17.82 5.29
C HIS A 443 -11.83 17.41 6.74
N CYS A 444 -12.29 18.32 7.55
CA CYS A 444 -12.62 18.00 8.91
C CYS A 444 -14.04 17.38 8.94
N LEU A 445 -14.99 18.05 8.30
CA LEU A 445 -16.38 17.59 8.32
C LEU A 445 -16.60 16.43 7.34
N CYS A 446 -15.80 16.37 6.28
CA CYS A 446 -15.86 15.22 5.39
C CYS A 446 -15.48 13.95 6.12
N ASP A 447 -14.40 14.04 6.90
CA ASP A 447 -14.03 12.98 7.82
C ASP A 447 -15.20 12.56 8.71
N SER A 448 -15.94 13.54 9.21
CA SER A 448 -17.04 13.20 10.09
C SER A 448 -18.14 12.50 9.30
N ILE A 449 -18.56 13.10 8.19
CA ILE A 449 -19.52 12.47 7.25
C ILE A 449 -19.13 11.04 6.85
N GLU A 450 -17.87 10.83 6.52
CA GLU A 450 -17.40 9.51 6.15
C GLU A 450 -17.11 8.61 7.33
N HIS A 451 -17.35 9.12 8.53
CA HIS A 451 -17.10 8.39 9.77
C HIS A 451 -15.72 7.77 9.88
N ILE A 452 -14.72 8.54 9.49
CA ILE A 452 -13.32 8.20 9.68
C ILE A 452 -13.01 7.95 11.15
N THR A 453 -12.21 6.92 11.40
CA THR A 453 -11.78 6.65 12.76
C THR A 453 -10.39 7.24 13.02
N HIS A 454 -9.50 7.12 12.05
CA HIS A 454 -8.15 7.63 12.20
C HIS A 454 -7.85 8.59 11.07
N SER A 455 -7.81 9.87 11.39
CA SER A 455 -7.58 10.89 10.36
C SER A 455 -6.11 11.32 10.34
N LEU A 456 -5.32 10.84 9.37
CA LEU A 456 -3.85 10.97 9.44
C LEU A 456 -3.26 11.99 8.48
N CYS A 457 -2.53 12.96 9.04
CA CYS A 457 -2.00 14.09 8.29
C CYS A 457 -0.60 14.55 8.75
N THR A 458 -0.09 15.60 8.11
CA THR A 458 1.29 16.05 8.31
C THR A 458 1.37 17.43 8.98
N LYS A 459 2.17 17.52 10.05
CA LYS A 459 2.23 18.73 10.88
C LYS A 459 2.64 19.98 10.10
N ALA A 463 -0.15 20.12 14.58
CA ALA A 463 -0.61 21.22 13.74
C ALA A 463 -1.79 21.99 14.38
N ARG A 464 -2.89 22.13 13.63
CA ARG A 464 -4.07 22.92 14.08
C ARG A 464 -5.22 22.04 14.62
N ARG A 465 -4.86 20.95 15.30
CA ARG A 465 -5.81 19.93 15.76
C ARG A 465 -6.91 20.38 16.76
N SER A 466 -6.67 21.42 17.55
CA SER A 466 -7.71 21.85 18.46
C SER A 466 -8.77 22.61 17.65
N SER A 467 -8.40 22.96 16.42
CA SER A 467 -9.30 23.69 15.53
C SER A 467 -10.15 22.69 14.73
N TYR A 468 -9.55 21.55 14.40
CA TYR A 468 -10.28 20.36 13.99
C TYR A 468 -11.40 20.07 15.00
N PHE A 469 -11.02 19.60 16.18
CA PHE A 469 -11.97 19.29 17.24
C PHE A 469 -13.03 20.37 17.42
N TRP A 470 -12.64 21.64 17.34
CA TRP A 470 -13.57 22.76 17.55
C TRP A 470 -14.80 22.67 16.67
N LEU A 471 -14.56 22.53 15.37
CA LEU A 471 -15.62 22.46 14.37
C LEU A 471 -16.68 21.42 14.66
N CYS A 472 -16.24 20.18 14.87
CA CYS A 472 -17.17 19.07 15.10
C CYS A 472 -17.95 19.26 16.36
N ASN A 473 -17.28 19.64 17.43
CA ASN A 473 -18.03 19.84 18.68
C ASN A 473 -18.99 21.06 18.57
N ALA A 474 -18.66 22.03 17.72
CA ALA A 474 -19.51 23.18 17.45
C ALA A 474 -20.88 22.79 16.90
N LEU A 475 -20.91 21.72 16.09
CA LEU A 475 -22.13 21.24 15.43
C LEU A 475 -22.72 20.02 16.12
N ASP A 476 -22.12 19.59 17.21
CA ASP A 476 -22.45 18.31 17.82
C ASP A 476 -22.48 17.15 16.82
N VAL A 477 -21.63 17.15 15.80
CA VAL A 477 -21.49 15.94 14.97
C VAL A 477 -20.38 15.00 15.48
N TYR A 478 -20.30 13.79 14.96
CA TYR A 478 -19.27 12.84 15.35
C TYR A 478 -17.89 13.45 15.09
N CYS A 479 -16.95 13.14 15.98
CA CYS A 479 -15.66 13.80 15.92
C CYS A 479 -14.47 12.85 15.86
N PRO A 480 -13.84 12.72 14.68
CA PRO A 480 -12.72 11.78 14.44
C PRO A 480 -11.53 12.06 15.32
N VAL A 481 -10.58 11.14 15.35
CA VAL A 481 -9.32 11.36 16.03
C VAL A 481 -8.26 11.64 15.00
N GLN A 482 -7.51 12.71 15.24
CA GLN A 482 -6.46 13.12 14.32
C GLN A 482 -5.10 12.79 14.90
N TRP A 483 -4.25 12.19 14.07
CA TRP A 483 -2.87 11.94 14.45
CA TRP A 483 -2.87 11.98 14.46
C TRP A 483 -1.96 12.55 13.41
N GLU A 484 -0.95 13.32 13.84
CA GLU A 484 0.03 13.87 12.91
C GLU A 484 1.29 12.98 12.84
N TYR A 485 1.74 12.70 11.62
CA TYR A 485 2.98 11.97 11.40
C TYR A 485 3.94 12.90 10.65
N GLY A 486 5.24 12.58 10.74
CA GLY A 486 6.28 13.46 10.25
C GLY A 486 6.38 13.48 8.73
N ARG A 487 6.56 14.69 8.20
CA ARG A 487 6.68 14.95 6.76
C ARG A 487 7.90 14.22 6.18
N LEU A 488 8.05 14.24 4.87
CA LEU A 488 9.20 13.59 4.25
C LEU A 488 9.59 14.23 2.92
N ASN A 489 10.81 14.77 2.89
CA ASN A 489 11.36 15.38 1.68
C ASN A 489 12.83 14.99 1.52
N LEU A 490 13.17 14.37 0.39
CA LEU A 490 14.55 13.97 0.10
C LEU A 490 15.41 15.11 -0.46
N HIS A 491 16.72 15.02 -0.24
CA HIS A 491 17.64 16.01 -0.79
C HIS A 491 17.72 15.89 -2.30
N TYR A 492 18.23 16.94 -2.95
CA TYR A 492 18.37 16.99 -4.41
C TYR A 492 17.00 16.88 -5.09
N ALA A 493 15.94 17.15 -4.33
CA ALA A 493 14.57 17.02 -4.81
C ALA A 493 13.74 18.30 -4.63
N VAL A 494 13.25 18.84 -5.74
CA VAL A 494 12.24 19.90 -5.72
C VAL A 494 10.96 19.35 -6.37
N VAL A 495 9.83 19.48 -5.69
CA VAL A 495 8.62 18.77 -6.09
C VAL A 495 7.32 19.59 -6.25
N SER A 496 7.35 20.89 -5.94
CA SER A 496 6.18 21.74 -6.18
C SER A 496 5.71 21.67 -7.63
N LYS A 497 4.44 21.32 -7.85
CA LYS A 497 3.89 21.17 -9.20
C LYS A 497 4.14 22.40 -10.08
N ARG A 498 4.09 23.58 -9.46
CA ARG A 498 4.44 24.80 -10.18
C ARG A 498 5.93 24.78 -10.49
N LYS A 499 6.77 24.57 -9.47
CA LYS A 499 8.22 24.54 -9.64
C LYS A 499 8.66 23.47 -10.65
N ILE A 500 7.89 22.38 -10.74
CA ILE A 500 8.19 21.30 -11.68
C ILE A 500 7.72 21.61 -13.10
N LEU A 501 6.51 22.13 -13.24
CA LEU A 501 6.02 22.49 -14.58
C LEU A 501 6.84 23.65 -15.13
N GLN A 502 7.69 24.22 -14.29
CA GLN A 502 8.69 25.21 -14.69
C GLN A 502 9.81 24.54 -15.49
N LEU A 503 10.28 23.39 -15.01
CA LEU A 503 11.39 22.66 -15.65
C LEU A 503 11.00 22.04 -16.97
N VAL A 504 9.84 21.39 -16.98
CA VAL A 504 9.37 20.73 -18.19
C VAL A 504 9.07 21.77 -19.26
N ALA A 505 8.92 23.01 -18.85
CA ALA A 505 8.64 24.10 -19.79
C ALA A 505 9.90 24.91 -20.11
N THR A 506 11.06 24.29 -19.95
CA THR A 506 12.32 24.87 -20.42
C THR A 506 13.08 23.83 -21.23
N GLY A 507 12.78 22.57 -20.95
CA GLY A 507 13.48 21.46 -21.59
C GLY A 507 14.48 20.81 -20.65
N ALA A 508 14.57 21.33 -19.44
CA ALA A 508 15.43 20.75 -18.41
C ALA A 508 15.13 19.26 -18.24
N VAL A 509 13.86 18.91 -18.43
CA VAL A 509 13.39 17.52 -18.34
C VAL A 509 12.37 17.24 -19.45
N ARG A 510 12.31 15.99 -19.91
CA ARG A 510 11.53 15.62 -21.11
C ARG A 510 10.01 15.73 -20.90
N ASP A 511 9.53 15.15 -19.81
CA ASP A 511 8.16 15.29 -19.32
C ASP A 511 8.21 15.08 -17.80
N TRP A 512 7.07 15.06 -17.12
CA TRP A 512 7.13 14.98 -15.66
C TRP A 512 7.30 13.55 -15.10
N ASP A 513 7.56 12.58 -15.96
CA ASP A 513 7.98 11.26 -15.48
C ASP A 513 9.47 11.03 -15.80
N ASP A 514 10.20 12.13 -15.95
CA ASP A 514 11.62 12.10 -16.26
C ASP A 514 12.30 11.50 -15.02
N PRO A 515 13.17 10.50 -15.22
CA PRO A 515 13.68 9.57 -14.20
C PRO A 515 14.62 10.25 -13.18
N ARG A 516 14.94 11.53 -13.37
CA ARG A 516 15.73 12.20 -12.33
C ARG A 516 14.84 13.14 -11.52
N LEU A 517 13.55 13.12 -11.82
CA LEU A 517 12.56 13.71 -10.93
C LEU A 517 12.16 12.67 -9.89
N PHE A 518 11.77 13.12 -8.71
CA PHE A 518 11.44 12.19 -7.63
C PHE A 518 9.93 12.08 -7.43
N THR A 519 9.18 12.55 -8.42
CA THR A 519 7.77 12.24 -8.55
C THR A 519 7.58 10.73 -8.65
N LEU A 520 6.46 10.24 -8.14
CA LEU A 520 6.22 8.80 -8.07
C LEU A 520 6.18 8.20 -9.47
N THR A 521 5.50 8.89 -10.36
CA THR A 521 5.35 8.41 -11.73
C THR A 521 6.71 8.30 -12.45
N ALA A 522 7.67 9.14 -12.05
CA ALA A 522 9.02 9.12 -12.63
C ALA A 522 9.82 7.97 -12.09
N LEU A 523 9.79 7.76 -10.79
CA LEU A 523 10.49 6.64 -10.19
C LEU A 523 9.96 5.31 -10.71
N ARG A 524 8.71 5.28 -11.13
CA ARG A 524 8.22 4.08 -11.76
C ARG A 524 8.90 3.96 -13.11
N ARG A 525 8.87 5.04 -13.90
CA ARG A 525 9.53 5.09 -15.21
C ARG A 525 11.03 4.81 -15.10
N ARG A 526 11.69 5.47 -14.15
CA ARG A 526 13.10 5.27 -13.87
C ARG A 526 13.46 3.80 -13.68
N GLY A 527 12.55 3.06 -13.06
CA GLY A 527 12.72 1.63 -13.01
C GLY A 527 12.52 1.04 -11.64
N PHE A 528 12.28 1.88 -10.64
CA PHE A 528 12.02 1.38 -9.30
C PHE A 528 10.83 0.43 -9.33
N PRO A 529 10.93 -0.66 -8.54
CA PRO A 529 9.83 -1.59 -8.35
C PRO A 529 8.98 -1.14 -7.17
N PRO A 530 7.66 -1.36 -7.23
CA PRO A 530 6.78 -0.94 -6.12
C PRO A 530 7.34 -1.36 -4.76
N GLU A 531 7.57 -2.65 -4.57
CA GLU A 531 8.04 -3.19 -3.30
C GLU A 531 9.20 -2.41 -2.70
N ALA A 532 10.05 -1.85 -3.56
CA ALA A 532 11.21 -1.10 -3.09
C ALA A 532 10.78 0.09 -2.25
N ILE A 533 9.89 0.91 -2.82
CA ILE A 533 9.38 2.10 -2.15
C ILE A 533 8.63 1.75 -0.85
N ASN A 534 7.82 0.70 -0.90
CA ASN A 534 7.12 0.25 0.31
C ASN A 534 8.08 -0.17 1.41
N ASN A 535 9.10 -0.94 1.04
CA ASN A 535 10.11 -1.39 1.99
C ASN A 535 10.96 -0.23 2.50
N PHE A 536 11.03 0.82 1.69
CA PHE A 536 11.70 2.05 2.07
C PHE A 536 11.05 2.67 3.32
N CYS A 537 9.73 2.85 3.26
CA CYS A 537 9.00 3.44 4.38
C CYS A 537 9.00 2.49 5.55
N ALA A 538 9.22 1.22 5.25
CA ALA A 538 9.35 0.16 6.26
C ALA A 538 10.72 0.20 6.95
N ARG A 539 11.57 1.13 6.56
CA ARG A 539 12.85 1.33 7.23
C ARG A 539 12.81 2.51 8.19
N VAL A 540 12.02 3.53 7.85
CA VAL A 540 11.89 4.73 8.68
C VAL A 540 10.50 4.93 9.32
N GLY A 541 9.61 5.60 8.56
CA GLY A 541 8.17 5.59 8.78
C GLY A 541 7.45 5.54 10.11
N VAL A 542 7.88 6.36 11.06
CA VAL A 542 7.12 6.57 12.28
C VAL A 542 6.65 8.02 12.28
N THR A 543 5.89 8.38 13.31
CA THR A 543 5.28 9.70 13.40
C THR A 543 6.24 10.85 13.70
N VAL A 544 7.06 10.66 14.72
CA VAL A 544 8.06 11.65 15.08
C VAL A 544 9.31 11.75 14.20
N ALA A 545 9.10 11.89 12.90
CA ALA A 545 10.20 12.06 11.96
C ALA A 545 10.53 13.47 11.47
N GLN A 546 9.65 14.05 10.65
CA GLN A 546 9.92 15.33 9.95
C GLN A 546 11.31 15.23 9.30
N THR A 547 11.67 13.99 9.00
CA THR A 547 13.00 13.60 8.58
C THR A 547 13.20 13.82 7.08
N THR A 548 14.17 14.67 6.75
CA THR A 548 14.63 14.83 5.38
C THR A 548 15.66 13.71 5.17
N MET A 549 15.74 13.15 3.95
CA MET A 549 16.52 11.92 3.72
C MET A 549 17.37 11.92 2.43
N GLU A 550 18.56 11.32 2.49
CA GLU A 550 19.45 11.29 1.32
C GLU A 550 19.06 10.20 0.32
N PRO A 551 18.96 10.58 -0.97
CA PRO A 551 18.51 9.70 -2.06
C PRO A 551 19.17 8.31 -2.13
N HIS A 552 20.50 8.23 -1.98
CA HIS A 552 21.20 6.94 -2.08
C HIS A 552 20.70 5.92 -1.04
N LEU A 553 20.04 6.42 0.01
CA LEU A 553 19.52 5.58 1.09
C LEU A 553 18.35 4.73 0.62
N LEU A 554 17.63 5.24 -0.38
CA LEU A 554 16.47 4.53 -0.97
C LEU A 554 16.92 3.52 -2.02
N GLU A 555 17.87 3.94 -2.87
CA GLU A 555 18.40 3.09 -3.92
C GLU A 555 19.10 1.87 -3.32
N ALA A 556 19.49 1.99 -2.05
CA ALA A 556 19.98 0.87 -1.24
C ALA A 556 18.93 -0.25 -1.15
N CYS A 557 17.67 0.15 -1.06
CA CYS A 557 16.55 -0.80 -1.02
C CYS A 557 16.22 -1.33 -2.41
N VAL A 558 16.37 -0.48 -3.42
CA VAL A 558 16.07 -0.87 -4.79
C VAL A 558 16.98 -2.00 -5.25
N ARG A 559 18.21 -2.02 -4.72
CA ARG A 559 19.16 -3.06 -5.09
C ARG A 559 18.77 -4.38 -4.45
N ASP A 560 18.48 -4.33 -3.15
CA ASP A 560 18.09 -5.53 -2.40
C ASP A 560 16.89 -6.25 -3.03
N VAL A 561 16.11 -5.51 -3.82
CA VAL A 561 14.88 -6.03 -4.43
C VAL A 561 15.08 -6.51 -5.87
N LEU A 562 15.88 -5.77 -6.62
CA LEU A 562 16.16 -6.11 -8.01
C LEU A 562 17.15 -7.27 -8.11
N ASN A 563 18.02 -7.40 -7.11
CA ASN A 563 19.01 -8.46 -7.09
C ASN A 563 18.38 -9.85 -6.95
N ASP A 564 17.10 -9.88 -6.60
CA ASP A 564 16.37 -11.12 -6.38
C ASP A 564 15.23 -11.26 -7.39
N THR A 565 14.91 -10.16 -8.07
CA THR A 565 13.77 -10.16 -8.99
C THR A 565 14.19 -9.91 -10.45
N ALA A 566 15.18 -9.05 -10.66
CA ALA A 566 15.64 -8.76 -12.03
C ALA A 566 16.55 -9.85 -12.58
N PRO A 567 16.22 -10.36 -13.79
CA PRO A 567 17.02 -11.36 -14.52
C PRO A 567 18.24 -10.76 -15.23
N ARG A 568 19.14 -11.62 -15.70
CA ARG A 568 20.45 -11.22 -16.24
C ARG A 568 20.60 -11.41 -17.75
N ALA A 569 21.13 -10.38 -18.41
CA ALA A 569 21.43 -10.43 -19.83
C ALA A 569 22.67 -9.61 -20.09
N MET A 570 23.37 -9.90 -21.17
CA MET A 570 24.64 -9.23 -21.46
C MET A 570 24.49 -8.15 -22.55
N ALA A 571 25.19 -7.03 -22.37
CA ALA A 571 25.18 -5.92 -23.33
C ALA A 571 26.25 -4.87 -23.02
N VAL A 572 26.57 -4.00 -23.98
CA VAL A 572 27.43 -2.84 -23.69
C VAL A 572 27.26 -1.69 -24.68
N LEU A 573 27.77 -0.52 -24.27
CA LEU A 573 27.48 0.77 -24.89
C LEU A 573 28.45 1.14 -25.99
N GLU A 574 29.70 1.43 -25.61
CA GLU A 574 30.79 1.63 -26.58
C GLU A 574 31.37 0.27 -26.97
N SER A 575 30.74 -0.36 -27.95
CA SER A 575 31.01 -1.76 -28.31
C SER A 575 31.85 -1.93 -29.58
N LEU A 576 33.02 -2.55 -29.42
CA LEU A 576 33.92 -2.85 -30.53
C LEU A 576 33.71 -4.27 -31.06
N ARG A 577 34.05 -4.51 -32.32
CA ARG A 577 33.91 -5.82 -32.96
C ARG A 577 35.21 -6.62 -32.90
N VAL A 578 35.12 -7.93 -32.65
CA VAL A 578 36.30 -8.79 -32.57
C VAL A 578 36.04 -10.22 -33.09
N ILE A 579 37.10 -10.91 -33.52
CA ILE A 579 36.99 -12.25 -34.09
C ILE A 579 37.96 -13.22 -33.39
N ILE A 580 37.55 -14.48 -33.25
CA ILE A 580 38.42 -15.52 -32.70
C ILE A 580 39.36 -15.90 -33.85
N THR A 581 40.29 -16.82 -33.59
CA THR A 581 41.23 -17.29 -34.60
C THR A 581 40.39 -18.13 -35.54
N ASN A 582 39.99 -19.30 -35.07
CA ASN A 582 39.16 -20.23 -35.86
C ASN A 582 38.61 -21.25 -34.91
N PHE A 583 37.34 -21.10 -34.56
CA PHE A 583 36.65 -22.04 -33.64
C PHE A 583 35.86 -22.97 -34.51
N PRO A 584 34.94 -23.76 -33.83
CA PRO A 584 34.17 -24.67 -34.68
C PRO A 584 32.79 -24.11 -35.03
N ALA A 585 32.47 -24.08 -36.31
CA ALA A 585 31.17 -23.57 -36.76
C ALA A 585 30.33 -24.67 -37.40
N ASP A 590 25.26 -22.03 -29.83
CA ASP A 590 24.39 -21.37 -28.88
C ASP A 590 24.67 -21.81 -27.44
N ILE A 591 25.23 -20.89 -26.64
CA ILE A 591 25.60 -21.18 -25.26
C ILE A 591 24.41 -21.08 -24.28
N GLN A 592 24.66 -21.39 -23.01
CA GLN A 592 23.62 -21.39 -21.97
C GLN A 592 23.85 -20.36 -20.86
N VAL A 593 23.25 -19.18 -21.03
CA VAL A 593 23.29 -18.16 -19.98
C VAL A 593 22.09 -18.34 -19.05
N PRO A 594 22.36 -18.50 -17.75
CA PRO A 594 21.29 -18.83 -16.81
C PRO A 594 20.33 -17.67 -16.57
N ASN A 595 19.24 -17.96 -15.86
CA ASN A 595 18.33 -16.95 -15.35
C ASN A 595 18.93 -15.83 -14.51
N PHE A 596 19.60 -16.24 -13.44
CA PHE A 596 20.30 -15.35 -12.53
C PHE A 596 21.27 -16.28 -11.81
N PRO A 597 22.51 -15.83 -11.58
CA PRO A 597 23.61 -16.51 -10.91
C PRO A 597 23.39 -17.26 -9.58
N ALA A 598 22.82 -16.59 -8.58
CA ALA A 598 22.79 -17.07 -7.19
C ALA A 598 21.83 -18.27 -7.04
N ASP A 599 20.95 -18.50 -8.02
CA ASP A 599 20.12 -19.69 -8.03
C ASP A 599 19.62 -19.99 -9.45
N GLU A 600 20.09 -21.11 -10.01
CA GLU A 600 19.72 -21.51 -11.36
C GLU A 600 18.42 -22.31 -11.36
N THR A 601 17.64 -22.20 -10.28
CA THR A 601 16.43 -22.99 -10.14
C THR A 601 15.24 -22.40 -10.90
N LYS A 602 15.51 -21.37 -11.72
CA LYS A 602 14.46 -20.79 -12.56
C LYS A 602 14.50 -21.36 -13.99
N GLY A 603 15.38 -20.81 -14.82
CA GLY A 603 15.51 -21.27 -16.20
C GLY A 603 16.75 -20.73 -16.87
N PHE A 604 16.96 -21.08 -18.13
CA PHE A 604 18.13 -20.58 -18.84
C PHE A 604 17.70 -20.06 -20.21
N HIS A 605 18.33 -18.99 -20.67
CA HIS A 605 18.03 -18.46 -22.00
C HIS A 605 19.18 -18.73 -22.96
N GLN A 606 18.83 -19.17 -24.17
CA GLN A 606 19.83 -19.44 -25.19
C GLN A 606 20.39 -18.14 -25.73
N VAL A 607 21.70 -18.09 -25.89
CA VAL A 607 22.37 -16.89 -26.38
C VAL A 607 23.47 -17.28 -27.38
N PRO A 608 23.45 -16.66 -28.59
CA PRO A 608 24.33 -16.89 -29.74
C PRO A 608 25.78 -17.27 -29.42
N PHE A 609 26.22 -18.40 -29.98
CA PHE A 609 27.62 -18.82 -29.91
C PHE A 609 28.18 -19.03 -31.32
N ALA A 610 28.82 -17.98 -31.83
CA ALA A 610 29.46 -18.00 -33.15
C ALA A 610 30.50 -16.87 -33.19
N PRO A 611 31.17 -16.70 -34.35
CA PRO A 611 32.28 -15.75 -34.58
C PRO A 611 31.74 -14.32 -34.66
N ILE A 612 32.66 -13.35 -34.53
CA ILE A 612 32.35 -11.91 -34.47
C ILE A 612 31.60 -11.24 -33.32
N VAL A 613 31.86 -11.69 -32.10
CA VAL A 613 31.32 -11.08 -30.89
C VAL A 613 31.86 -9.71 -30.44
N PHE A 614 31.12 -9.01 -29.58
CA PHE A 614 31.47 -7.63 -29.20
C PHE A 614 31.80 -7.48 -27.72
N ILE A 615 32.45 -6.37 -27.36
CA ILE A 615 32.76 -6.07 -25.97
C ILE A 615 33.04 -4.57 -25.75
N GLU A 616 33.13 -4.16 -24.49
CA GLU A 616 33.25 -2.75 -24.14
C GLU A 616 34.53 -2.11 -24.63
N ARG A 617 34.70 -0.82 -24.34
CA ARG A 617 36.02 -0.21 -24.33
C ARG A 617 36.43 -0.55 -22.90
N THR A 618 37.51 0.08 -22.41
CA THR A 618 38.01 -0.16 -21.05
C THR A 618 38.58 -1.58 -21.06
N ASP A 619 39.37 -1.86 -22.10
CA ASP A 619 39.95 -3.17 -22.34
C ASP A 619 41.45 -3.07 -22.64
N PHE A 620 42.05 -4.18 -23.09
CA PHE A 620 43.46 -4.20 -23.48
C PHE A 620 43.49 -3.08 -24.53
N LYS A 621 44.07 -1.94 -24.15
CA LYS A 621 44.07 -0.74 -24.99
C LYS A 621 45.50 -0.48 -25.49
N GLU A 622 46.15 -1.55 -25.97
CA GLU A 622 47.48 -1.50 -26.56
C GLU A 622 48.59 -1.26 -25.52
N GLU A 623 48.48 -0.16 -24.77
CA GLU A 623 49.53 0.25 -23.84
C GLU A 623 48.76 -0.47 -22.74
N PRO A 624 49.23 -1.66 -22.33
CA PRO A 624 48.65 -2.53 -21.28
C PRO A 624 49.36 -2.04 -20.01
N GLU A 625 48.82 -1.00 -19.38
CA GLU A 625 49.32 -0.41 -18.13
C GLU A 625 48.98 -1.31 -16.91
N PRO A 626 49.27 -0.86 -15.67
CA PRO A 626 48.87 -1.75 -14.55
C PRO A 626 47.39 -1.60 -14.21
N GLY A 627 46.77 -2.69 -13.78
CA GLY A 627 45.36 -2.68 -13.44
C GLY A 627 44.45 -2.96 -14.62
N PHE A 628 44.37 -4.23 -15.02
CA PHE A 628 43.46 -4.66 -16.07
C PHE A 628 43.26 -6.17 -16.00
N LYS A 629 42.85 -6.77 -17.11
CA LYS A 629 42.58 -8.21 -17.14
C LYS A 629 42.37 -8.70 -18.57
N ARG A 630 42.00 -9.98 -18.71
CA ARG A 630 41.90 -10.67 -20.01
C ARG A 630 41.28 -9.83 -21.13
N ARG A 640 36.61 -14.23 -20.37
CA ARG A 640 35.23 -13.90 -20.69
C ARG A 640 34.26 -14.39 -19.60
N HIS A 641 33.04 -13.84 -19.60
CA HIS A 641 32.00 -14.28 -18.67
C HIS A 641 31.41 -15.62 -19.11
N THR A 642 31.77 -16.05 -20.33
CA THR A 642 31.44 -17.38 -20.81
C THR A 642 32.35 -17.77 -22.00
N GLY A 643 32.67 -19.08 -22.10
CA GLY A 643 33.43 -19.61 -23.23
C GLY A 643 34.91 -19.94 -23.02
N TYR A 644 35.76 -18.96 -23.29
CA TYR A 644 37.21 -19.08 -23.19
C TYR A 644 37.83 -17.83 -22.57
N VAL A 645 39.15 -17.75 -22.53
CA VAL A 645 39.82 -16.52 -22.14
C VAL A 645 40.16 -15.74 -23.40
N ILE A 646 39.87 -16.37 -24.54
CA ILE A 646 40.07 -15.78 -25.88
C ILE A 646 41.43 -15.18 -26.18
N GLU A 647 42.43 -16.05 -26.32
CA GLU A 647 43.80 -15.66 -26.60
C GLU A 647 43.80 -14.48 -27.58
N LEU A 648 44.44 -13.37 -27.20
CA LEU A 648 44.50 -12.17 -28.03
C LEU A 648 45.60 -12.45 -29.05
N GLN A 649 45.22 -13.03 -30.20
CA GLN A 649 46.18 -13.60 -31.15
C GLN A 649 46.57 -12.59 -32.25
N HIS A 650 45.86 -11.47 -32.33
CA HIS A 650 46.19 -10.43 -33.32
C HIS A 650 45.54 -9.08 -32.99
N VAL A 651 46.33 -8.01 -33.06
CA VAL A 651 45.82 -6.67 -32.82
C VAL A 651 45.68 -5.89 -34.13
N VAL A 652 44.85 -4.85 -34.11
CA VAL A 652 44.61 -4.00 -35.29
C VAL A 652 44.91 -2.54 -34.90
N LYS A 653 44.52 -1.58 -35.74
CA LYS A 653 44.63 -0.15 -35.46
C LYS A 653 43.88 0.61 -36.54
N GLY A 654 43.92 1.94 -36.43
CA GLY A 654 43.23 2.80 -37.39
C GLY A 654 44.13 3.94 -37.84
N PRO A 655 43.52 5.04 -38.32
CA PRO A 655 44.28 6.21 -38.77
C PRO A 655 44.95 6.96 -37.62
N CYS A 658 42.98 5.64 -33.87
CA CYS A 658 41.82 4.80 -33.53
C CYS A 658 42.25 3.34 -33.37
N VAL A 659 41.31 2.50 -32.91
CA VAL A 659 41.57 1.06 -32.80
C VAL A 659 40.39 0.33 -33.46
N GLU A 660 40.36 0.38 -34.79
CA GLU A 660 39.25 -0.05 -35.65
C GLU A 660 38.64 -1.43 -35.30
N SER A 661 39.48 -2.41 -34.94
CA SER A 661 38.99 -3.75 -34.61
C SER A 661 40.07 -4.66 -34.02
N LEU A 662 39.71 -5.92 -33.75
CA LEU A 662 40.67 -6.88 -33.17
C LEU A 662 40.46 -8.35 -33.57
N GLU A 663 41.45 -9.18 -33.25
CA GLU A 663 41.38 -10.63 -33.50
C GLU A 663 41.94 -11.44 -32.32
N VAL A 664 41.42 -12.65 -32.12
CA VAL A 664 41.83 -13.47 -30.99
C VAL A 664 42.04 -14.92 -31.37
N THR A 665 41.90 -15.81 -30.40
CA THR A 665 41.99 -17.25 -30.61
C THR A 665 41.15 -17.93 -29.57
N CYS A 666 40.72 -19.15 -29.85
CA CYS A 666 39.87 -19.88 -28.91
C CYS A 666 40.66 -20.32 -27.66
N ARG A 667 39.95 -20.99 -26.74
CA ARG A 667 40.54 -21.59 -25.54
C ARG A 667 39.48 -22.37 -24.76
N ARG A 668 39.92 -23.13 -23.76
CA ARG A 668 39.02 -23.86 -22.84
C ARG A 668 39.79 -24.18 -21.55
N ALA A 669 39.19 -25.01 -20.69
CA ALA A 669 39.84 -25.50 -19.47
C ALA A 669 40.58 -24.41 -18.67
N PRO A 675 43.93 -18.47 -16.61
CA PRO A 675 42.78 -17.81 -15.94
C PRO A 675 43.06 -16.33 -15.61
N LYS A 676 42.62 -15.41 -16.48
CA LYS A 676 42.95 -13.98 -16.34
C LYS A 676 41.82 -13.14 -15.71
N ALA A 677 40.62 -13.23 -16.32
CA ALA A 677 39.38 -12.68 -15.74
C ALA A 677 38.16 -13.04 -16.59
N PHE A 678 37.02 -12.43 -16.27
CA PHE A 678 35.77 -12.69 -16.99
C PHE A 678 34.99 -11.40 -17.28
N ILE A 679 34.94 -11.01 -18.56
CA ILE A 679 34.20 -9.80 -18.95
C ILE A 679 32.92 -10.13 -19.72
N HIS A 680 32.11 -9.11 -19.94
CA HIS A 680 30.84 -9.27 -20.64
C HIS A 680 31.03 -9.25 -22.15
N TRP A 681 30.13 -9.90 -22.87
CA TRP A 681 30.24 -9.99 -24.32
C TRP A 681 28.89 -10.30 -24.99
N VAL A 682 28.75 -9.95 -26.27
CA VAL A 682 27.49 -10.14 -26.98
C VAL A 682 27.73 -10.64 -28.40
N SER A 683 27.41 -11.91 -28.66
CA SER A 683 27.49 -12.45 -30.02
C SER A 683 26.10 -12.38 -30.63
N GLN A 684 26.04 -11.93 -31.88
CA GLN A 684 24.77 -11.72 -32.59
C GLN A 684 23.79 -10.86 -31.76
N PRO A 685 24.12 -9.57 -31.55
CA PRO A 685 23.38 -8.67 -30.66
C PRO A 685 22.24 -7.87 -31.31
N LEU A 686 21.39 -7.27 -30.48
CA LEU A 686 20.32 -6.40 -30.96
C LEU A 686 20.68 -4.93 -30.72
N MET A 687 20.21 -4.06 -31.60
CA MET A 687 20.54 -2.63 -31.54
C MET A 687 19.41 -1.85 -30.86
N CYS A 688 19.76 -1.03 -29.86
CA CYS A 688 18.76 -0.40 -29.01
C CYS A 688 19.34 0.70 -28.12
N GLU A 689 18.52 1.72 -27.88
CA GLU A 689 18.89 2.89 -27.10
C GLU A 689 19.04 2.61 -25.60
N VAL A 690 19.96 3.31 -24.94
CA VAL A 690 20.05 3.26 -23.47
C VAL A 690 20.32 4.65 -22.91
N ARG A 691 19.41 5.11 -22.05
CA ARG A 691 19.51 6.46 -21.51
C ARG A 691 20.27 6.45 -20.19
N LEU A 692 21.20 7.41 -20.04
CA LEU A 692 22.00 7.52 -18.83
C LEU A 692 21.68 8.81 -18.07
N TYR A 693 21.37 8.68 -16.78
CA TYR A 693 20.94 9.83 -15.99
C TYR A 693 21.87 10.14 -14.82
N GLU A 694 22.02 11.43 -14.53
CA GLU A 694 22.84 11.89 -13.40
C GLU A 694 22.03 12.81 -12.50
N ARG A 695 22.32 12.77 -11.19
CA ARG A 695 21.63 13.56 -10.17
C ARG A 695 21.42 15.03 -10.58
N LEU A 696 20.15 15.42 -10.75
CA LEU A 696 19.78 16.64 -11.48
C LEU A 696 20.35 17.94 -10.91
N PHE A 697 20.48 18.04 -9.59
CA PHE A 697 20.91 19.30 -8.99
C PHE A 697 22.34 19.25 -8.47
N GLN A 698 23.07 20.36 -8.63
CA GLN A 698 24.47 20.44 -8.22
C GLN A 698 24.58 20.15 -6.75
N HIS A 699 23.75 20.83 -5.96
CA HIS A 699 23.63 20.54 -4.54
C HIS A 699 22.65 19.39 -4.33
N LYS A 700 23.18 18.22 -3.97
CA LYS A 700 22.34 17.10 -3.56
C LYS A 700 21.90 17.35 -2.12
N ASN A 701 21.33 18.54 -1.91
CA ASN A 701 20.79 19.05 -0.63
C ASN A 701 19.79 20.17 -1.04
N PRO A 702 19.09 20.82 -0.08
CA PRO A 702 17.94 21.60 -0.63
C PRO A 702 18.26 22.75 -1.60
N GLU A 703 17.65 22.72 -2.78
CA GLU A 703 17.77 23.81 -3.74
C GLU A 703 16.88 25.00 -3.39
N ASP A 704 16.00 24.82 -2.41
CA ASP A 704 15.35 25.96 -1.74
C ASP A 704 16.46 26.67 -0.95
N PRO A 705 16.54 28.00 -1.08
CA PRO A 705 17.76 28.74 -0.68
C PRO A 705 18.16 28.66 0.81
N THR A 706 18.42 27.45 1.31
CA THR A 706 19.12 27.27 2.58
C THR A 706 20.62 27.46 2.28
N GLU A 707 21.03 26.93 1.14
CA GLU A 707 22.34 27.20 0.53
C GLU A 707 22.42 28.67 0.11
N VAL A 708 21.23 29.26 -0.06
CA VAL A 708 21.03 30.58 -0.69
C VAL A 708 21.75 30.66 -2.05
N PRO A 709 21.36 29.80 -3.02
CA PRO A 709 21.93 29.97 -4.35
C PRO A 709 21.31 31.16 -5.05
N GLY A 710 20.25 31.71 -4.45
CA GLY A 710 19.55 32.85 -5.02
C GLY A 710 18.79 32.47 -6.28
N GLY A 711 18.65 31.17 -6.53
CA GLY A 711 17.96 30.68 -7.70
C GLY A 711 17.96 29.16 -7.72
N PHE A 712 16.76 28.58 -7.64
CA PHE A 712 16.61 27.13 -7.72
C PHE A 712 16.77 26.66 -9.17
N LEU A 713 16.90 27.62 -10.09
CA LEU A 713 17.05 27.34 -11.52
C LEU A 713 18.49 27.54 -11.99
N SER A 714 19.29 28.21 -11.17
CA SER A 714 20.72 28.30 -11.39
C SER A 714 21.38 26.96 -11.06
N ASP A 715 20.82 26.27 -10.06
CA ASP A 715 21.33 25.00 -9.56
C ASP A 715 21.12 23.85 -10.56
N LEU A 716 20.51 24.15 -11.71
CA LEU A 716 20.28 23.15 -12.74
C LEU A 716 21.75 22.72 -13.06
N ASN A 717 22.09 21.50 -12.65
CA ASN A 717 23.39 20.89 -12.82
C ASN A 717 23.52 20.34 -14.25
N LEU A 718 24.37 20.96 -15.07
CA LEU A 718 24.43 20.69 -16.52
C LEU A 718 24.87 19.26 -16.87
N ALA A 719 24.96 18.39 -15.85
CA ALA A 719 25.22 16.96 -16.03
C ALA A 719 24.08 16.34 -16.85
N SER A 720 22.89 16.27 -16.25
CA SER A 720 21.65 15.91 -16.94
C SER A 720 21.78 14.49 -17.50
N LEU A 721 21.37 14.34 -18.76
CA LEU A 721 21.19 13.06 -19.43
C LEU A 721 22.18 12.77 -20.57
N HIS A 722 22.88 11.64 -20.47
CA HIS A 722 23.82 11.23 -21.53
C HIS A 722 23.21 10.11 -22.36
N VAL A 723 22.87 10.41 -23.61
CA VAL A 723 22.26 9.42 -24.48
C VAL A 723 23.30 8.54 -25.16
N VAL A 724 23.38 7.29 -24.71
CA VAL A 724 23.94 6.24 -25.52
C VAL A 724 22.88 5.93 -26.57
N ASP A 725 23.21 6.05 -27.84
CA ASP A 725 22.25 5.70 -28.88
C ASP A 725 22.19 4.19 -29.04
N ALA A 726 21.59 3.72 -30.13
CA ALA A 726 21.40 2.29 -30.33
C ALA A 726 22.81 1.68 -30.16
N ALA A 727 22.98 0.85 -29.12
CA ALA A 727 24.25 0.15 -28.85
C ALA A 727 23.88 -1.33 -28.81
N LEU A 728 24.80 -2.17 -28.39
CA LEU A 728 24.61 -3.61 -28.54
C LEU A 728 24.03 -4.26 -27.29
N VAL A 729 23.04 -5.13 -27.50
CA VAL A 729 22.40 -5.87 -26.42
C VAL A 729 21.98 -7.31 -26.77
N ASP A 730 21.81 -8.12 -25.71
CA ASP A 730 21.51 -9.57 -25.73
C ASP A 730 20.23 -10.00 -26.48
N CYS A 731 20.01 -11.32 -26.53
CA CYS A 731 18.88 -11.96 -27.20
C CYS A 731 17.65 -12.25 -26.31
N SER A 732 17.89 -12.52 -25.03
CA SER A 732 16.79 -12.73 -24.07
C SER A 732 15.91 -11.50 -23.85
N VAL A 733 16.53 -10.33 -23.90
CA VAL A 733 15.83 -9.05 -23.76
C VAL A 733 15.11 -8.69 -25.06
N ALA A 734 14.26 -9.58 -25.56
CA ALA A 734 13.57 -9.36 -26.84
C ALA A 734 12.06 -9.43 -26.71
N LEU A 735 11.59 -10.36 -25.89
CA LEU A 735 10.17 -10.50 -25.60
C LEU A 735 9.74 -9.46 -24.57
N ALA A 736 10.72 -8.69 -24.09
CA ALA A 736 10.52 -7.70 -23.05
C ALA A 736 9.52 -6.60 -23.46
N LYS A 737 8.56 -6.34 -22.57
CA LYS A 737 7.59 -5.26 -22.70
C LYS A 737 7.97 -4.16 -21.68
N PRO A 738 7.36 -2.96 -21.79
CA PRO A 738 7.71 -1.89 -20.85
C PRO A 738 7.58 -2.23 -19.36
N PHE A 739 8.40 -1.53 -18.57
CA PHE A 739 8.58 -1.73 -17.12
C PHE A 739 9.12 -3.11 -16.71
N ASP A 740 9.81 -3.78 -17.62
CA ASP A 740 10.57 -4.97 -17.28
C ASP A 740 11.97 -4.57 -16.80
N LYS A 741 12.45 -5.22 -15.74
CA LYS A 741 13.74 -4.86 -15.16
C LYS A 741 14.83 -5.91 -15.46
N PHE A 742 16.07 -5.46 -15.66
CA PHE A 742 17.21 -6.36 -15.92
C PHE A 742 18.49 -5.96 -15.18
N GLN A 743 19.29 -6.96 -14.83
CA GLN A 743 20.68 -6.71 -14.45
C GLN A 743 21.58 -6.98 -15.65
N PHE A 744 22.12 -5.91 -16.22
CA PHE A 744 23.08 -6.04 -17.30
C PHE A 744 24.46 -6.36 -16.73
N GLU A 745 24.85 -7.63 -16.85
CA GLU A 745 26.08 -8.16 -16.25
C GLU A 745 27.23 -7.14 -16.29
N ARG A 746 27.67 -6.74 -15.11
CA ARG A 746 28.80 -5.82 -14.93
C ARG A 746 28.59 -4.39 -15.45
N LEU A 747 27.37 -3.88 -15.41
CA LEU A 747 27.14 -2.46 -15.68
C LEU A 747 26.22 -1.81 -14.64
N GLY A 748 25.00 -2.35 -14.54
CA GLY A 748 24.03 -1.85 -13.58
C GLY A 748 22.66 -2.48 -13.78
N TYR A 749 21.65 -1.74 -13.34
CA TYR A 749 20.24 -2.19 -13.41
C TYR A 749 19.42 -1.31 -14.36
N PHE A 750 18.80 -1.95 -15.34
CA PHE A 750 18.09 -1.22 -16.40
C PHE A 750 16.63 -1.67 -16.56
N SER A 751 15.79 -0.76 -17.02
CA SER A 751 14.35 -1.01 -17.09
C SER A 751 13.77 -0.62 -18.43
N VAL A 752 12.88 -1.46 -18.96
CA VAL A 752 12.27 -1.18 -20.25
C VAL A 752 11.52 0.13 -20.06
N ASP A 753 11.92 1.15 -20.81
CA ASP A 753 11.26 2.45 -20.83
C ASP A 753 9.99 2.30 -21.66
N PRO A 754 8.99 3.09 -21.32
CA PRO A 754 7.63 2.94 -21.84
C PRO A 754 7.54 3.09 -23.34
N ASP A 755 8.64 3.50 -23.95
CA ASP A 755 8.64 3.83 -25.38
C ASP A 755 9.23 2.68 -26.18
N SER A 756 9.52 1.59 -25.50
CA SER A 756 10.07 0.43 -26.15
C SER A 756 8.95 -0.37 -26.81
N HIS A 757 9.32 -1.16 -27.81
CA HIS A 757 8.43 -2.11 -28.46
C HIS A 757 9.30 -3.13 -29.14
N GLN A 758 8.70 -4.15 -29.75
CA GLN A 758 9.52 -5.18 -30.37
C GLN A 758 10.38 -4.54 -31.45
N GLY A 759 9.82 -3.63 -32.23
CA GLY A 759 10.60 -2.99 -33.26
C GLY A 759 11.75 -2.13 -32.79
N LYS A 760 11.51 -1.31 -31.78
CA LYS A 760 12.53 -0.43 -31.24
C LYS A 760 12.59 -0.65 -29.76
N LEU A 761 13.78 -0.79 -29.21
CA LEU A 761 13.92 -1.06 -27.81
C LEU A 761 14.67 0.08 -27.17
N VAL A 762 14.21 0.50 -25.99
CA VAL A 762 14.88 1.55 -25.25
C VAL A 762 14.99 1.13 -23.81
N PHE A 763 16.03 1.57 -23.12
CA PHE A 763 16.21 1.18 -21.73
C PHE A 763 16.58 2.37 -20.85
N ASN A 764 16.37 2.20 -19.54
CA ASN A 764 16.64 3.25 -18.57
C ASN A 764 17.56 2.79 -17.47
N ARG A 765 18.61 3.56 -17.19
CA ARG A 765 19.53 3.20 -16.13
C ARG A 765 18.94 3.58 -14.78
N THR A 766 18.63 2.57 -13.98
CA THR A 766 18.01 2.77 -12.69
C THR A 766 19.06 3.17 -11.64
N VAL A 767 20.00 2.28 -11.37
CA VAL A 767 21.06 2.58 -10.42
C VAL A 767 22.24 1.60 -10.58
N THR A 768 23.42 2.02 -10.10
CA THR A 768 24.65 1.24 -10.12
C THR A 768 24.57 0.07 -9.12
N LEU A 769 25.68 -0.63 -8.90
CA LEU A 769 25.69 -1.75 -7.94
C LEU A 769 26.34 -1.55 -6.56
N LYS A 770 26.86 -0.35 -6.32
CA LYS A 770 27.34 0.09 -5.01
C LYS A 770 27.67 1.58 -5.09
N GLU A 771 28.25 2.13 -4.03
CA GLU A 771 28.67 3.53 -4.03
C GLU A 771 30.03 3.72 -3.34
N ASP A 772 30.51 4.96 -3.31
CA ASP A 772 31.78 5.29 -2.65
C ASP A 772 31.58 5.86 -1.25
#